data_1KJ8
#
_entry.id   1KJ8
#
_cell.length_a   62.100
_cell.length_b   179.300
_cell.length_c   75.800
_cell.angle_alpha   90.00
_cell.angle_beta   90.00
_cell.angle_gamma   90.00
#
_symmetry.space_group_name_H-M   'P 21 21 2'
#
loop_
_entity.id
_entity.type
_entity.pdbx_description
1 polymer 'phosphoribosylglycinamide formyltransferase 2'
2 non-polymer 'MAGNESIUM ION'
3 non-polymer 'SODIUM ION'
4 non-polymer 'CHLORIDE ION'
5 non-polymer "ADENOSINE-5'-TRIPHOSPHATE"
6 non-polymer 'GLYCINAMIDE RIBONUCLEOTIDE'
7 non-polymer '3[N-MORPHOLINO]PROPANE SULFONIC ACID'
8 non-polymer 1,2-ETHANEDIOL
9 water water
#
_entity_poly.entity_id   1
_entity_poly.type   'polypeptide(L)'
_entity_poly.pdbx_seq_one_letter_code
;TLLGTALRPAATRVMLLGSGELGKEVAIECQRLGVEVIAVDRYADAPAMHVAHRSHVINMLDGDALRRVVELEKPHYIVP
EIEAIATDMLIQLEEEGLNVVPCARATKLTMNREGIRRLAAEELQLPTSTYRFADSESLFREAVADIGYPCIVKPVMSSS
GKGQTFIRSAEQLAQAWKYAQQGGRAGAGRVIVEGVVKFDFEITLLTVSAVDGVHFCAPVGHRQEDGDYRESWQPQQMSP
LALERAQEIARKVVLALGGYGLFGVELFVCGDEVIFSEVSPRPHDTGMVTLISQDLSEFALHVRAFLGLPVGGIRQYGPA
ASAVILPQLTSQNVTFDNVQNAVGADLQIRLFGKPEIDGSRRLGVALATAESVVDAIERAKHAAGQVKVQG
;
_entity_poly.pdbx_strand_id   A,B
#
loop_
_chem_comp.id
_chem_comp.type
_chem_comp.name
_chem_comp.formula
ATP non-polymer ADENOSINE-5'-TRIPHOSPHATE 'C10 H16 N5 O13 P3'
CL non-polymer 'CHLORIDE ION' 'Cl -1'
EDO non-polymer 1,2-ETHANEDIOL 'C2 H6 O2'
GAR non-polymer 'GLYCINAMIDE RIBONUCLEOTIDE' 'C7 H13 N2 O8 P -2'
MG non-polymer 'MAGNESIUM ION' 'Mg 2'
MPO non-polymer '3[N-MORPHOLINO]PROPANE SULFONIC ACID' 'C7 H15 N O4 S'
NA non-polymer 'SODIUM ION' 'Na 1'
#
# COMPACT_ATOMS: atom_id res chain seq x y z
N THR A 1 19.34 2.86 -13.30
CA THR A 1 18.92 1.99 -12.22
C THR A 1 18.38 0.62 -12.67
N LEU A 2 18.99 -0.40 -12.09
CA LEU A 2 18.63 -1.77 -12.31
C LEU A 2 18.00 -2.45 -11.08
N LEU A 3 16.85 -3.10 -11.21
CA LEU A 3 16.26 -3.84 -10.09
C LEU A 3 16.15 -5.31 -10.44
N GLY A 4 16.46 -6.22 -9.50
CA GLY A 4 16.29 -7.65 -9.75
C GLY A 4 14.85 -8.08 -9.35
N THR A 5 14.62 -9.40 -9.24
CA THR A 5 13.34 -9.95 -8.82
C THR A 5 13.53 -10.58 -7.46
N ALA A 6 12.72 -10.19 -6.50
CA ALA A 6 12.86 -10.78 -5.17
C ALA A 6 12.88 -12.33 -5.17
N LEU A 7 13.79 -12.89 -4.37
CA LEU A 7 13.93 -14.33 -4.18
C LEU A 7 14.74 -15.01 -5.29
N ARG A 8 15.03 -14.26 -6.34
CA ARG A 8 15.83 -14.71 -7.50
C ARG A 8 17.30 -14.34 -7.31
N PRO A 9 18.18 -14.96 -8.01
CA PRO A 9 19.61 -14.67 -7.79
C PRO A 9 20.02 -13.24 -7.94
N ALA A 10 19.39 -12.50 -8.88
CA ALA A 10 19.79 -11.11 -9.08
C ALA A 10 18.95 -10.16 -8.23
N ALA A 11 18.23 -10.70 -7.24
CA ALA A 11 17.37 -9.89 -6.37
C ALA A 11 18.09 -8.66 -5.81
N THR A 12 17.35 -7.58 -5.69
CA THR A 12 17.81 -6.37 -5.03
C THR A 12 17.39 -6.55 -3.54
N ARG A 13 18.34 -6.60 -2.59
CA ARG A 13 18.03 -6.85 -1.20
C ARG A 13 18.16 -5.65 -0.31
N VAL A 14 17.07 -5.41 0.43
CA VAL A 14 16.94 -4.32 1.41
C VAL A 14 16.81 -4.92 2.82
N MET A 15 17.65 -4.42 3.74
CA MET A 15 17.57 -4.88 5.13
C MET A 15 17.09 -3.70 5.98
N LEU A 16 16.00 -3.90 6.69
CA LEU A 16 15.49 -2.87 7.59
C LEU A 16 16.04 -3.12 8.98
N LEU A 17 16.67 -2.10 9.58
CA LEU A 17 17.15 -2.23 10.97
C LEU A 17 16.11 -1.51 11.78
N GLY A 18 15.11 -2.26 12.29
CA GLY A 18 13.97 -1.68 13.01
C GLY A 18 12.72 -2.01 12.15
N SER A 19 11.72 -2.66 12.75
CA SER A 19 10.58 -3.14 12.01
C SER A 19 9.23 -2.65 12.58
N GLY A 20 9.20 -1.37 13.00
CA GLY A 20 7.96 -0.75 13.51
C GLY A 20 7.00 -0.36 12.37
N GLU A 21 5.98 0.41 12.69
CA GLU A 21 4.98 0.81 11.70
C GLU A 21 5.60 1.60 10.54
N LEU A 22 6.69 2.32 10.82
CA LEU A 22 7.35 3.07 9.75
C LEU A 22 8.02 2.10 8.75
N GLY A 23 8.84 1.18 9.28
CA GLY A 23 9.47 0.20 8.41
C GLY A 23 8.41 -0.67 7.69
N LYS A 24 7.27 -0.89 8.32
CA LYS A 24 6.25 -1.70 7.68
C LYS A 24 5.86 -1.14 6.28
N GLU A 25 5.65 0.18 6.23
CA GLU A 25 5.27 0.83 4.96
C GLU A 25 6.46 0.90 4.00
N VAL A 26 7.68 1.07 4.57
CA VAL A 26 8.87 1.04 3.74
C VAL A 26 8.91 -0.35 3.09
N ALA A 27 8.64 -1.41 3.88
CA ALA A 27 8.63 -2.80 3.37
C ALA A 27 7.61 -3.00 2.25
N ILE A 28 6.38 -2.49 2.48
CA ILE A 28 5.32 -2.58 1.47
C ILE A 28 5.76 -1.87 0.17
N GLU A 29 6.37 -0.67 0.27
CA GLU A 29 6.81 0.04 -0.94
C GLU A 29 7.93 -0.69 -1.70
N CYS A 30 8.80 -1.38 -0.94
CA CYS A 30 9.86 -2.18 -1.53
C CYS A 30 9.20 -3.37 -2.26
N GLN A 31 8.29 -4.02 -1.56
CA GLN A 31 7.59 -5.16 -2.12
C GLN A 31 6.82 -4.85 -3.39
N ARG A 32 6.31 -3.62 -3.48
CA ARG A 32 5.55 -3.16 -4.66
C ARG A 32 6.44 -3.04 -5.91
N LEU A 33 7.77 -2.99 -5.70
CA LEU A 33 8.74 -2.93 -6.77
C LEU A 33 9.52 -4.26 -6.88
N GLY A 34 9.01 -5.31 -6.18
CA GLY A 34 9.64 -6.63 -6.21
C GLY A 34 11.03 -6.67 -5.53
N VAL A 35 11.28 -5.73 -4.59
CA VAL A 35 12.53 -5.64 -3.83
C VAL A 35 12.46 -6.61 -2.70
N GLU A 36 13.52 -7.40 -2.52
CA GLU A 36 13.56 -8.39 -1.48
C GLU A 36 13.80 -7.69 -0.11
N VAL A 37 12.96 -8.01 0.87
CA VAL A 37 13.04 -7.35 2.18
C VAL A 37 13.35 -8.31 3.35
N ILE A 38 14.40 -7.92 4.09
CA ILE A 38 14.78 -8.64 5.29
C ILE A 38 14.51 -7.65 6.43
N ALA A 39 13.61 -8.06 7.34
CA ALA A 39 13.21 -7.28 8.52
C ALA A 39 13.91 -7.75 9.77
N VAL A 40 14.65 -6.82 10.37
CA VAL A 40 15.37 -7.08 11.60
C VAL A 40 14.81 -6.15 12.72
N ASP A 41 14.75 -6.73 13.95
CA ASP A 41 14.31 -5.98 15.12
C ASP A 41 14.82 -6.70 16.34
N ARG A 42 14.44 -6.18 17.52
CA ARG A 42 14.84 -6.70 18.83
C ARG A 42 13.76 -7.66 19.41
N TYR A 43 12.65 -7.80 18.70
CA TYR A 43 11.54 -8.66 19.10
C TYR A 43 10.87 -9.26 17.86
N ALA A 44 10.29 -10.46 18.02
CA ALA A 44 9.65 -11.19 16.95
C ALA A 44 8.24 -10.72 16.58
N ASP A 45 7.88 -10.92 15.29
CA ASP A 45 6.55 -10.53 14.85
C ASP A 45 6.28 -9.01 14.90
N ALA A 46 7.39 -8.26 14.77
CA ALA A 46 7.34 -6.82 14.69
C ALA A 46 6.59 -6.50 13.35
N PRO A 47 5.84 -5.43 13.35
CA PRO A 47 5.07 -5.07 12.17
C PRO A 47 5.69 -5.33 10.79
N ALA A 48 6.88 -4.78 10.48
CA ALA A 48 7.50 -4.94 9.16
C ALA A 48 7.81 -6.39 8.83
N MET A 49 7.97 -7.21 9.89
CA MET A 49 8.23 -8.64 9.74
C MET A 49 7.03 -9.37 9.11
N HIS A 50 5.83 -8.81 9.30
CA HIS A 50 4.66 -9.40 8.74
C HIS A 50 4.62 -9.40 7.22
N VAL A 51 5.27 -8.36 6.65
CA VAL A 51 5.33 -8.11 5.21
C VAL A 51 6.72 -8.26 4.56
N ALA A 52 7.64 -8.89 5.28
CA ALA A 52 9.00 -9.14 4.81
C ALA A 52 9.19 -10.56 4.28
N HIS A 53 10.16 -10.78 3.42
CA HIS A 53 10.49 -12.10 2.88
C HIS A 53 11.10 -12.95 3.99
N ARG A 54 11.96 -12.32 4.83
CA ARG A 54 12.60 -13.05 5.96
C ARG A 54 12.79 -12.08 7.10
N SER A 55 12.80 -12.60 8.35
CA SER A 55 13.01 -11.74 9.51
C SER A 55 14.08 -12.34 10.41
N HIS A 56 14.69 -11.47 11.18
CA HIS A 56 15.70 -11.89 12.17
C HIS A 56 15.53 -11.06 13.41
N VAL A 57 15.82 -11.66 14.56
CA VAL A 57 15.73 -10.94 15.85
C VAL A 57 17.10 -10.95 16.50
N ILE A 58 17.66 -9.76 16.72
CA ILE A 58 18.99 -9.57 17.30
C ILE A 58 19.05 -8.27 18.08
N ASN A 59 20.18 -8.12 18.78
CA ASN A 59 20.44 -6.90 19.50
C ASN A 59 21.11 -5.93 18.53
N MET A 60 20.30 -4.98 18.05
CA MET A 60 20.76 -3.99 17.08
C MET A 60 21.80 -3.02 17.59
N LEU A 61 21.96 -2.95 18.93
CA LEU A 61 22.96 -2.07 19.53
C LEU A 61 24.30 -2.80 19.64
N ASP A 62 24.28 -4.11 19.38
CA ASP A 62 25.48 -4.98 19.35
C ASP A 62 26.08 -5.01 17.93
N GLY A 63 27.20 -4.28 17.72
CA GLY A 63 27.87 -4.18 16.44
C GLY A 63 28.25 -5.53 15.84
N ASP A 64 28.63 -6.47 16.69
CA ASP A 64 29.02 -7.78 16.18
C ASP A 64 27.81 -8.53 15.68
N ALA A 65 26.69 -8.33 16.37
CA ALA A 65 25.47 -8.97 16.00
C ALA A 65 25.01 -8.39 14.66
N LEU A 66 25.23 -7.09 14.51
CA LEU A 66 24.86 -6.40 13.27
C LEU A 66 25.69 -6.94 12.12
N ARG A 67 27.01 -7.06 12.36
CA ARG A 67 27.89 -7.57 11.34
C ARG A 67 27.50 -9.01 10.96
N ARG A 68 27.16 -9.83 11.96
CA ARG A 68 26.75 -11.20 11.61
C ARG A 68 25.51 -11.23 10.68
N VAL A 69 24.49 -10.44 11.00
CA VAL A 69 23.29 -10.50 10.18
C VAL A 69 23.50 -9.94 8.79
N VAL A 70 24.30 -8.90 8.69
CA VAL A 70 24.58 -8.33 7.38
C VAL A 70 25.43 -9.29 6.55
N GLU A 71 26.39 -9.94 7.22
CA GLU A 71 27.22 -10.90 6.53
C GLU A 71 26.35 -12.05 6.02
N LEU A 72 25.40 -12.48 6.86
CA LEU A 72 24.50 -13.55 6.56
C LEU A 72 23.56 -13.28 5.41
N GLU A 73 22.94 -12.10 5.39
CA GLU A 73 21.94 -11.77 4.38
C GLU A 73 22.45 -11.01 3.14
N LYS A 74 23.66 -10.41 3.23
CA LYS A 74 24.24 -9.64 2.13
C LYS A 74 23.29 -8.66 1.42
N PRO A 75 22.73 -7.75 2.19
CA PRO A 75 21.82 -6.79 1.58
C PRO A 75 22.58 -5.80 0.72
N HIS A 76 21.88 -5.22 -0.25
CA HIS A 76 22.43 -4.18 -1.11
C HIS A 76 22.30 -2.84 -0.38
N TYR A 77 21.21 -2.72 0.42
CA TYR A 77 20.93 -1.51 1.21
C TYR A 77 20.57 -1.87 2.66
N ILE A 78 21.19 -1.12 3.61
CA ILE A 78 20.87 -1.21 5.05
C ILE A 78 20.06 0.08 5.30
N VAL A 79 18.81 -0.12 5.70
CA VAL A 79 17.85 0.98 5.92
C VAL A 79 17.45 1.05 7.39
N PRO A 80 18.20 1.86 8.14
CA PRO A 80 17.90 2.00 9.58
C PRO A 80 16.52 2.66 9.73
N GLU A 81 15.72 2.13 10.64
CA GLU A 81 14.35 2.59 10.81
C GLU A 81 14.18 3.30 12.15
N ILE A 82 15.21 3.16 13.01
CA ILE A 82 15.26 3.78 14.33
C ILE A 82 16.65 4.33 14.58
N GLU A 83 16.80 5.17 15.60
CA GLU A 83 18.08 5.80 15.94
C GLU A 83 19.02 4.94 16.78
N ALA A 84 18.41 4.04 17.55
CA ALA A 84 19.19 3.23 18.45
C ALA A 84 19.74 1.97 17.85
N ILE A 85 20.81 2.16 17.12
CA ILE A 85 21.50 1.08 16.43
C ILE A 85 23.02 1.28 16.59
N ALA A 86 23.82 0.23 16.38
CA ALA A 86 25.27 0.33 16.47
C ALA A 86 25.85 1.11 15.29
N THR A 87 25.69 2.42 15.34
CA THR A 87 26.11 3.28 14.25
C THR A 87 27.58 3.22 13.90
N ASP A 88 28.43 2.93 14.86
CA ASP A 88 29.85 2.82 14.51
C ASP A 88 30.07 1.60 13.59
N MET A 89 29.25 0.56 13.80
CA MET A 89 29.38 -0.61 12.94
C MET A 89 28.91 -0.26 11.54
N LEU A 90 27.85 0.56 11.46
CA LEU A 90 27.37 0.99 10.15
C LEU A 90 28.44 1.77 9.40
N ILE A 91 29.22 2.57 10.12
CA ILE A 91 30.28 3.35 9.45
C ILE A 91 31.32 2.38 8.86
N GLN A 92 31.64 1.41 9.73
CA GLN A 92 32.58 0.34 9.40
C GLN A 92 32.14 -0.40 8.16
N LEU A 93 30.91 -0.93 8.23
CA LEU A 93 30.33 -1.62 7.10
C LEU A 93 30.26 -0.73 5.86
N GLU A 94 29.93 0.56 6.01
CA GLU A 94 29.85 1.40 4.84
C GLU A 94 31.21 1.49 4.17
N GLU A 95 32.24 1.56 5.00
CA GLU A 95 33.60 1.58 4.51
C GLU A 95 33.88 0.31 3.69
N GLU A 96 33.44 -0.82 4.27
CA GLU A 96 33.56 -2.16 3.69
C GLU A 96 32.72 -2.37 2.44
N GLY A 97 32.02 -1.33 1.96
CA GLY A 97 31.26 -1.49 0.73
C GLY A 97 29.74 -1.45 0.82
N LEU A 98 29.17 -1.47 2.04
CA LEU A 98 27.72 -1.42 2.14
C LEU A 98 27.09 -0.03 1.95
N ASN A 99 25.92 0.01 1.34
CA ASN A 99 25.19 1.25 1.18
C ASN A 99 24.22 1.36 2.37
N VAL A 100 24.51 2.35 3.22
CA VAL A 100 23.68 2.63 4.38
C VAL A 100 22.84 3.86 3.99
N VAL A 101 21.53 3.75 4.20
CA VAL A 101 20.62 4.84 3.83
C VAL A 101 20.32 5.78 5.02
N PRO A 102 20.49 7.11 4.85
CA PRO A 102 20.97 7.81 3.65
C PRO A 102 22.52 7.73 3.48
N CYS A 103 23.19 7.63 4.62
CA CYS A 103 24.65 7.46 4.73
C CYS A 103 24.91 7.14 6.15
N ALA A 104 26.05 6.51 6.40
CA ALA A 104 26.36 6.13 7.77
C ALA A 104 26.61 7.32 8.73
N ARG A 105 27.29 8.39 8.23
CA ARG A 105 27.54 9.57 9.03
C ARG A 105 26.19 10.20 9.49
N ALA A 106 25.17 10.19 8.62
CA ALA A 106 23.87 10.79 8.99
C ALA A 106 23.27 10.04 10.15
N THR A 107 23.46 8.72 10.13
CA THR A 107 22.90 7.93 11.22
C THR A 107 23.63 8.15 12.55
N LYS A 108 24.95 8.34 12.41
CA LYS A 108 25.76 8.53 13.57
C LYS A 108 25.51 9.90 14.22
N LEU A 109 25.45 10.95 13.40
CA LEU A 109 25.17 12.28 13.95
C LEU A 109 23.80 12.38 14.66
N THR A 110 22.81 11.69 14.09
CA THR A 110 21.47 11.80 14.65
C THR A 110 21.08 10.78 15.70
N MET A 111 21.94 9.83 16.00
CA MET A 111 21.45 8.89 17.00
C MET A 111 21.61 9.40 18.44
N ASN A 112 22.40 10.44 18.53
CA ASN A 112 22.74 11.16 19.76
C ASN A 112 22.60 12.67 19.49
N ARG A 113 21.76 13.30 20.30
CA ARG A 113 21.48 14.73 20.17
C ARG A 113 22.72 15.63 20.05
N GLU A 114 23.80 15.26 20.72
CA GLU A 114 24.97 16.11 20.67
C GLU A 114 25.55 16.30 19.28
N GLY A 115 25.61 15.18 18.52
CA GLY A 115 26.16 15.24 17.18
C GLY A 115 25.43 16.21 16.28
N ILE A 116 24.12 15.95 16.13
CA ILE A 116 23.26 16.75 15.28
C ILE A 116 23.09 18.21 15.78
N ARG A 117 22.90 18.36 17.11
CA ARG A 117 22.70 19.71 17.61
C ARG A 117 23.93 20.56 17.36
N ARG A 118 25.10 20.03 17.72
CA ARG A 118 26.30 20.83 17.54
C ARG A 118 26.59 21.06 16.07
N LEU A 119 26.22 20.12 15.21
CA LEU A 119 26.45 20.33 13.78
C LEU A 119 25.61 21.49 13.24
N ALA A 120 24.32 21.41 13.55
CA ALA A 120 23.35 22.39 13.10
C ALA A 120 23.65 23.79 13.59
N ALA A 121 23.81 23.90 14.92
CA ALA A 121 24.04 25.21 15.54
C ALA A 121 25.39 25.79 15.27
N GLU A 122 26.39 24.97 15.53
CA GLU A 122 27.78 25.39 15.42
C GLU A 122 28.36 25.38 14.01
N GLU A 123 28.24 24.27 13.33
CA GLU A 123 28.79 24.21 12.01
C GLU A 123 27.92 24.85 10.94
N LEU A 124 26.64 24.51 10.90
CA LEU A 124 25.75 25.08 9.90
C LEU A 124 25.20 26.46 10.23
N GLN A 125 25.37 26.85 11.48
CA GLN A 125 24.89 28.13 11.91
C GLN A 125 23.39 28.31 11.66
N LEU A 126 22.66 27.24 11.92
CA LEU A 126 21.21 27.30 11.80
C LEU A 126 20.63 27.81 13.15
N PRO A 127 19.46 28.45 13.14
CA PRO A 127 18.87 28.88 14.38
C PRO A 127 18.28 27.69 15.13
N THR A 128 18.61 27.59 16.42
CA THR A 128 18.07 26.51 17.29
C THR A 128 17.78 27.08 18.65
N SER A 129 17.19 26.26 19.51
CA SER A 129 16.99 26.69 20.90
C SER A 129 18.38 26.83 21.57
N THR A 130 18.46 27.48 22.71
CA THR A 130 19.71 27.49 23.42
C THR A 130 19.82 26.05 23.95
N TYR A 131 21.02 25.60 24.30
CA TYR A 131 21.22 24.26 24.77
C TYR A 131 22.58 24.14 25.50
N ARG A 132 22.68 23.11 26.35
CA ARG A 132 23.89 22.77 27.08
C ARG A 132 23.81 21.26 27.33
N PHE A 133 24.97 20.61 27.39
CA PHE A 133 24.94 19.18 27.65
C PHE A 133 25.44 18.94 29.07
N ALA A 134 25.12 17.81 29.67
CA ALA A 134 25.59 17.53 31.00
C ALA A 134 25.64 16.05 31.26
N ASP A 135 26.74 15.60 31.88
CA ASP A 135 26.92 14.18 32.19
C ASP A 135 27.08 13.82 33.68
N SER A 136 26.72 14.72 34.56
CA SER A 136 26.70 14.53 35.98
C SER A 136 25.57 15.39 36.51
N GLU A 137 25.02 15.03 37.67
CA GLU A 137 23.96 15.84 38.20
C GLU A 137 24.36 17.29 38.45
N SER A 138 25.58 17.46 38.97
CA SER A 138 26.02 18.80 39.26
C SER A 138 26.16 19.66 38.04
N LEU A 139 26.68 19.03 37.00
CA LEU A 139 26.85 19.81 35.78
C LEU A 139 25.44 20.10 35.20
N PHE A 140 24.56 19.12 35.39
CA PHE A 140 23.21 19.27 34.96
C PHE A 140 22.63 20.51 35.67
N ARG A 141 22.89 20.63 36.96
CA ARG A 141 22.39 21.78 37.69
C ARG A 141 22.97 23.09 37.23
N GLU A 142 24.28 23.09 36.89
CA GLU A 142 24.90 24.32 36.39
C GLU A 142 24.28 24.70 35.05
N ALA A 143 24.03 23.67 34.24
CA ALA A 143 23.39 23.84 32.92
C ALA A 143 22.04 24.57 33.00
N VAL A 144 21.16 24.02 33.87
CA VAL A 144 19.84 24.58 34.08
C VAL A 144 19.94 26.00 34.54
N ALA A 145 20.86 26.25 35.46
CA ALA A 145 21.05 27.61 35.95
C ALA A 145 21.44 28.57 34.81
N ASP A 146 22.27 28.11 33.87
CA ASP A 146 22.69 28.99 32.78
C ASP A 146 21.58 29.13 31.75
N ILE A 147 20.88 28.04 31.53
CA ILE A 147 19.82 28.03 30.52
C ILE A 147 18.63 28.86 30.97
N GLY A 148 18.21 28.67 32.23
CA GLY A 148 17.03 29.34 32.78
C GLY A 148 15.77 28.48 32.66
N TYR A 149 14.68 28.94 33.28
CA TYR A 149 13.39 28.28 33.31
C TYR A 149 12.40 29.01 32.44
N PRO A 150 11.50 28.27 31.81
CA PRO A 150 11.54 26.81 31.88
C PRO A 150 12.55 26.24 30.86
N CYS A 151 12.89 25.01 31.05
CA CYS A 151 13.77 24.33 30.13
C CYS A 151 13.33 22.86 30.01
N ILE A 152 13.83 22.19 28.96
CA ILE A 152 13.49 20.78 28.78
C ILE A 152 14.76 19.93 28.86
N VAL A 153 14.72 18.91 29.72
CA VAL A 153 15.84 17.99 29.81
C VAL A 153 15.49 16.68 29.05
N LYS A 154 16.48 16.21 28.26
CA LYS A 154 16.32 14.98 27.50
C LYS A 154 17.61 14.16 27.48
N PRO A 155 17.47 12.83 27.47
CA PRO A 155 18.64 11.99 27.33
C PRO A 155 19.15 12.26 25.92
N VAL A 156 20.48 12.18 25.69
CA VAL A 156 21.05 12.40 24.35
C VAL A 156 20.65 11.33 23.32
N MET A 157 20.32 10.15 23.81
CA MET A 157 19.85 9.09 22.94
C MET A 157 18.44 8.67 23.36
N SER A 158 17.41 9.22 22.69
CA SER A 158 16.01 8.89 23.04
C SER A 158 15.05 9.34 21.95
N SER A 159 13.79 8.85 22.04
CA SER A 159 12.80 9.24 21.05
C SER A 159 11.40 9.12 21.61
N SER A 160 10.41 9.63 20.84
CA SER A 160 9.01 9.59 21.22
C SER A 160 8.80 10.19 22.60
N GLY A 161 9.71 11.08 23.01
CA GLY A 161 9.59 11.75 24.31
C GLY A 161 10.04 10.98 25.56
N LYS A 162 10.63 9.80 25.41
CA LYS A 162 11.13 9.02 26.56
C LYS A 162 12.25 9.73 27.37
N GLY A 163 12.09 9.68 28.72
CA GLY A 163 12.99 10.22 29.74
C GLY A 163 13.06 11.75 29.83
N GLN A 164 12.10 12.44 29.20
CA GLN A 164 12.13 13.90 29.14
C GLN A 164 11.26 14.58 30.16
N THR A 165 11.71 15.74 30.59
CA THR A 165 10.97 16.54 31.53
C THR A 165 10.95 18.02 31.17
N PHE A 166 9.73 18.59 31.24
CA PHE A 166 9.50 20.01 31.04
C PHE A 166 9.72 20.64 32.41
N ILE A 167 10.88 21.28 32.59
CA ILE A 167 11.27 21.86 33.86
C ILE A 167 10.82 23.29 34.03
N ARG A 168 9.92 23.48 34.99
CA ARG A 168 9.38 24.81 35.26
C ARG A 168 10.03 25.51 36.45
N SER A 169 10.62 24.71 37.35
CA SER A 169 11.30 25.27 38.52
C SER A 169 12.28 24.26 39.12
N ALA A 170 13.18 24.80 39.94
CA ALA A 170 14.21 24.03 40.60
C ALA A 170 13.66 22.84 41.35
N GLU A 171 12.42 22.97 41.75
CA GLU A 171 11.81 21.90 42.49
C GLU A 171 11.87 20.57 41.74
N GLN A 172 11.78 20.60 40.41
CA GLN A 172 11.80 19.35 39.62
C GLN A 172 13.19 18.77 39.36
N LEU A 173 14.22 19.59 39.58
CA LEU A 173 15.58 19.21 39.31
C LEU A 173 15.94 17.76 39.60
N ALA A 174 15.64 17.33 40.81
CA ALA A 174 16.03 15.98 41.18
C ALA A 174 15.33 14.86 40.45
N GLN A 175 14.00 14.92 40.38
CA GLN A 175 13.29 13.86 39.71
C GLN A 175 13.60 13.90 38.22
N ALA A 176 13.73 15.11 37.66
CA ALA A 176 14.03 15.25 36.24
C ALA A 176 15.31 14.53 35.84
N TRP A 177 16.32 14.69 36.66
CA TRP A 177 17.59 14.10 36.41
C TRP A 177 17.49 12.61 36.47
N LYS A 178 16.90 12.14 37.55
CA LYS A 178 16.70 10.72 37.73
C LYS A 178 16.02 10.10 36.53
N TYR A 179 14.84 10.61 36.27
CA TYR A 179 14.02 10.19 35.18
C TYR A 179 14.75 10.21 33.84
N ALA A 180 15.73 11.12 33.70
CA ALA A 180 16.51 11.20 32.47
C ALA A 180 17.55 10.08 32.53
N GLN A 181 17.55 9.37 33.65
CA GLN A 181 18.44 8.25 33.86
C GLN A 181 17.69 6.96 33.61
N GLN A 182 16.39 7.05 33.62
CA GLN A 182 15.63 5.85 33.34
C GLN A 182 15.60 5.66 31.82
N GLY A 183 15.38 6.78 31.14
CA GLY A 183 15.34 6.88 29.69
C GLY A 183 16.67 7.50 29.26
N GLY A 189 23.90 8.79 31.93
CA GLY A 189 24.40 9.24 30.64
C GLY A 189 24.30 10.76 30.47
N ARG A 190 24.74 11.23 29.31
CA ARG A 190 24.66 12.62 29.07
C ARG A 190 23.25 12.97 28.71
N VAL A 191 22.92 14.20 29.03
CA VAL A 191 21.63 14.77 28.69
C VAL A 191 21.82 16.10 28.01
N ILE A 192 20.75 16.57 27.38
CA ILE A 192 20.75 17.92 26.81
C ILE A 192 19.77 18.73 27.62
N VAL A 193 20.09 20.01 27.82
CA VAL A 193 19.17 20.91 28.51
C VAL A 193 18.89 22.02 27.51
N GLU A 194 17.63 22.12 27.04
CA GLU A 194 17.32 23.14 26.05
C GLU A 194 16.38 24.21 26.59
N GLY A 195 16.62 25.42 26.08
CA GLY A 195 15.70 26.52 26.43
C GLY A 195 14.35 26.28 25.70
N VAL A 196 13.23 26.66 26.34
CA VAL A 196 11.92 26.46 25.70
C VAL A 196 11.64 27.50 24.66
N VAL A 197 11.35 27.06 23.42
CA VAL A 197 11.03 27.98 22.35
C VAL A 197 9.50 28.14 22.37
N LYS A 198 9.01 29.36 22.52
CA LYS A 198 7.58 29.56 22.53
C LYS A 198 7.13 29.77 21.08
N PHE A 199 6.86 28.65 20.41
CA PHE A 199 6.47 28.76 19.02
C PHE A 199 4.96 28.91 18.82
N ASP A 200 4.57 29.42 17.64
CA ASP A 200 3.15 29.59 17.30
C ASP A 200 2.60 28.20 16.96
N PHE A 201 3.44 27.41 16.29
CA PHE A 201 3.10 26.03 15.89
C PHE A 201 4.40 25.34 15.47
N GLU A 202 4.33 23.99 15.40
CA GLU A 202 5.47 23.19 15.00
C GLU A 202 5.15 22.38 13.77
N ILE A 203 6.19 22.14 12.95
CA ILE A 203 6.04 21.38 11.68
C ILE A 203 7.16 20.37 11.49
N THR A 204 6.88 19.51 10.56
CA THR A 204 7.81 18.53 10.04
C THR A 204 7.86 18.82 8.56
N LEU A 205 9.02 19.20 8.08
CA LEU A 205 9.16 19.42 6.65
C LEU A 205 9.86 18.20 6.08
N LEU A 206 9.05 17.34 5.43
CA LEU A 206 9.49 16.08 4.82
C LEU A 206 10.25 16.47 3.53
N THR A 207 11.58 16.27 3.59
CA THR A 207 12.52 16.69 2.54
C THR A 207 13.23 15.48 1.97
N VAL A 208 13.09 15.36 0.64
CA VAL A 208 13.68 14.26 -0.11
C VAL A 208 14.91 14.73 -0.86
N SER A 209 16.00 14.05 -0.59
CA SER A 209 17.26 14.29 -1.27
C SER A 209 17.41 13.10 -2.23
N ALA A 210 17.41 13.38 -3.52
CA ALA A 210 17.49 12.32 -4.55
C ALA A 210 18.40 12.70 -5.72
N VAL A 211 18.44 11.78 -6.67
CA VAL A 211 19.25 12.00 -7.84
C VAL A 211 18.91 13.26 -8.60
N ASP A 212 17.63 13.64 -8.56
CA ASP A 212 17.20 14.85 -9.24
C ASP A 212 17.08 16.08 -8.30
N GLY A 213 17.85 16.11 -7.19
CA GLY A 213 17.78 17.25 -6.32
C GLY A 213 16.97 17.06 -5.06
N VAL A 214 16.72 18.17 -4.39
CA VAL A 214 15.98 18.21 -3.15
C VAL A 214 14.57 18.63 -3.45
N HIS A 215 13.61 17.85 -2.93
CA HIS A 215 12.22 18.22 -3.12
C HIS A 215 11.56 18.30 -1.75
N PHE A 216 10.53 19.13 -1.63
CA PHE A 216 9.84 19.26 -0.35
C PHE A 216 8.38 18.88 -0.41
N CYS A 217 7.91 18.15 0.62
CA CYS A 217 6.49 17.87 0.73
C CYS A 217 5.87 19.14 1.35
N ALA A 218 4.56 19.30 1.23
CA ALA A 218 3.94 20.46 1.86
C ALA A 218 4.11 20.28 3.39
N PRO A 219 4.28 21.38 4.13
CA PRO A 219 4.51 21.33 5.55
C PRO A 219 3.44 20.57 6.34
N VAL A 220 3.93 19.74 7.24
CA VAL A 220 3.04 18.91 8.08
C VAL A 220 3.04 19.48 9.49
N GLY A 221 1.87 19.96 9.91
CA GLY A 221 1.76 20.47 11.27
C GLY A 221 1.54 19.29 12.20
N HIS A 222 1.86 19.46 13.49
CA HIS A 222 1.62 18.35 14.44
C HIS A 222 1.47 18.83 15.86
N ARG A 223 0.71 18.02 16.61
CA ARG A 223 0.44 18.29 18.01
C ARG A 223 1.09 17.21 18.86
N GLN A 224 1.99 17.61 19.77
CA GLN A 224 2.71 16.65 20.65
C GLN A 224 2.16 16.66 22.05
N GLU A 225 2.16 15.49 22.72
CA GLU A 225 1.69 15.43 24.10
C GLU A 225 2.54 14.45 24.86
N ASP A 226 3.23 14.92 25.90
CA ASP A 226 4.12 14.03 26.65
C ASP A 226 5.28 13.74 25.68
N GLY A 227 5.60 14.78 24.88
CA GLY A 227 6.64 14.77 23.85
C GLY A 227 6.44 13.71 22.73
N ASP A 228 5.23 13.10 22.66
CA ASP A 228 4.81 12.08 21.67
C ASP A 228 3.70 12.62 20.74
N TYR A 229 3.84 12.46 19.41
CA TYR A 229 2.83 12.97 18.49
C TYR A 229 1.47 12.32 18.66
N ARG A 230 0.44 13.18 18.58
CA ARG A 230 -0.94 12.75 18.74
C ARG A 230 -1.73 12.93 17.47
N GLU A 231 -1.54 14.05 16.80
CA GLU A 231 -2.23 14.30 15.53
C GLU A 231 -1.25 15.03 14.66
N SER A 232 -1.43 14.86 13.34
CA SER A 232 -0.64 15.59 12.34
C SER A 232 -1.59 15.98 11.21
N TRP A 233 -1.21 17.02 10.44
CA TRP A 233 -2.06 17.44 9.36
C TRP A 233 -1.24 18.11 8.28
N GLN A 234 -1.87 18.23 7.12
CA GLN A 234 -1.19 18.81 5.96
C GLN A 234 -2.24 19.33 4.97
N PRO A 235 -2.01 20.52 4.39
CA PRO A 235 -0.84 21.34 4.71
C PRO A 235 -1.07 22.21 5.97
N GLN A 236 0.02 22.61 6.60
CA GLN A 236 -0.02 23.55 7.68
C GLN A 236 0.24 24.93 7.03
N GLN A 237 -0.69 25.86 7.22
CA GLN A 237 -0.49 27.18 6.66
C GLN A 237 0.71 27.93 7.28
N MET A 238 1.48 28.57 6.39
CA MET A 238 2.65 29.35 6.75
C MET A 238 2.80 30.53 5.82
N SER A 239 3.39 31.61 6.31
CA SER A 239 3.62 32.73 5.39
C SER A 239 4.64 32.31 4.36
N PRO A 240 4.63 33.06 3.24
CA PRO A 240 5.58 32.76 2.17
C PRO A 240 7.03 32.80 2.65
N LEU A 241 7.30 33.83 3.45
CA LEU A 241 8.63 34.03 4.06
C LEU A 241 9.06 32.87 4.99
N ALA A 242 8.12 32.43 5.86
CA ALA A 242 8.38 31.31 6.76
C ALA A 242 8.66 30.03 5.96
N LEU A 243 7.84 29.78 4.91
CA LEU A 243 8.03 28.58 4.11
C LEU A 243 9.40 28.62 3.40
N GLU A 244 9.75 29.78 2.82
CA GLU A 244 11.03 29.86 2.18
C GLU A 244 12.19 29.62 3.18
N ARG A 245 12.10 30.23 4.35
CA ARG A 245 13.14 30.01 5.37
C ARG A 245 13.21 28.54 5.82
N ALA A 246 12.05 27.92 6.01
CA ALA A 246 12.03 26.55 6.44
C ALA A 246 12.66 25.67 5.38
N GLN A 247 12.36 25.97 4.12
CA GLN A 247 12.94 25.16 3.04
C GLN A 247 14.46 25.30 2.98
N GLU A 248 14.92 26.53 3.19
CA GLU A 248 16.36 26.76 3.16
C GLU A 248 17.05 25.97 4.28
N ILE A 249 16.44 26.00 5.46
CA ILE A 249 17.02 25.26 6.56
C ILE A 249 17.04 23.76 6.26
N ALA A 250 15.91 23.24 5.79
CA ALA A 250 15.84 21.83 5.52
C ALA A 250 16.84 21.39 4.45
N ARG A 251 16.95 22.18 3.40
CA ARG A 251 17.89 21.90 2.33
C ARG A 251 19.32 21.81 2.92
N LYS A 252 19.70 22.80 3.75
CA LYS A 252 21.03 22.80 4.35
C LYS A 252 21.31 21.56 5.20
N VAL A 253 20.32 21.18 6.00
CA VAL A 253 20.49 20.04 6.88
C VAL A 253 20.69 18.71 6.13
N VAL A 254 19.79 18.47 5.18
CA VAL A 254 19.86 17.22 4.47
C VAL A 254 21.17 17.01 3.67
N LEU A 255 21.58 18.12 3.01
CA LEU A 255 22.81 18.13 2.20
C LEU A 255 24.02 17.96 3.11
N ALA A 256 23.98 18.60 4.27
CA ALA A 256 25.07 18.44 5.22
C ALA A 256 25.15 17.00 5.74
N LEU A 257 24.00 16.42 6.08
CA LEU A 257 23.96 15.05 6.58
C LEU A 257 24.36 14.06 5.47
N GLY A 258 23.93 14.35 4.24
CA GLY A 258 24.28 13.57 3.06
C GLY A 258 23.51 12.30 2.78
N GLY A 259 23.58 11.92 1.49
CA GLY A 259 22.97 10.70 0.95
C GLY A 259 21.51 10.87 0.53
N TYR A 260 21.04 9.97 -0.30
CA TYR A 260 19.66 9.99 -0.80
C TYR A 260 18.69 9.34 0.23
N GLY A 261 17.52 9.95 0.33
CA GLY A 261 16.50 9.43 1.23
C GLY A 261 15.53 10.57 1.60
N LEU A 262 14.52 10.20 2.37
CA LEU A 262 13.57 11.18 2.85
C LEU A 262 13.91 11.47 4.31
N PHE A 263 13.90 12.78 4.63
CA PHE A 263 14.27 13.19 5.95
C PHE A 263 13.13 13.96 6.58
N GLY A 264 12.91 13.75 7.88
CA GLY A 264 11.83 14.49 8.59
C GLY A 264 12.44 15.65 9.37
N VAL A 265 12.44 16.86 8.79
CA VAL A 265 13.06 18.03 9.45
C VAL A 265 12.05 18.77 10.36
N GLU A 266 12.27 18.62 11.68
CA GLU A 266 11.38 19.21 12.70
C GLU A 266 11.77 20.67 12.92
N LEU A 267 10.78 21.57 12.75
CA LEU A 267 11.01 23.01 12.91
C LEU A 267 9.94 23.64 13.80
N PHE A 268 10.33 24.77 14.42
CA PHE A 268 9.41 25.55 15.23
C PHE A 268 9.20 26.84 14.43
N VAL A 269 7.91 27.28 14.35
CA VAL A 269 7.63 28.49 13.62
C VAL A 269 7.07 29.56 14.55
N CYS A 270 7.68 30.76 14.42
CA CYS A 270 7.30 31.99 15.15
C CYS A 270 7.04 33.08 14.10
N GLY A 271 5.81 33.12 13.60
CA GLY A 271 5.44 34.11 12.58
C GLY A 271 6.15 33.81 11.27
N ASP A 272 7.10 34.69 10.90
CA ASP A 272 7.92 34.49 9.71
C ASP A 272 9.28 33.87 10.07
N GLU A 273 9.58 33.64 11.36
CA GLU A 273 10.87 33.08 11.74
C GLU A 273 10.79 31.59 11.99
N VAL A 274 11.83 30.87 11.54
CA VAL A 274 11.89 29.39 11.67
C VAL A 274 13.13 28.94 12.44
N ILE A 275 12.94 27.97 13.36
CA ILE A 275 14.01 27.49 14.22
C ILE A 275 14.10 25.99 14.06
N PHE A 276 15.32 25.47 13.95
CA PHE A 276 15.54 24.05 13.77
C PHE A 276 15.49 23.34 15.10
N SER A 277 14.87 22.15 15.14
CA SER A 277 14.78 21.33 16.32
C SER A 277 15.61 20.07 16.19
N GLU A 278 15.24 19.19 15.27
CA GLU A 278 15.98 17.90 15.11
C GLU A 278 15.58 17.31 13.77
N VAL A 279 16.17 16.18 13.36
CA VAL A 279 15.81 15.61 12.07
C VAL A 279 15.87 14.10 12.04
N SER A 280 14.89 13.47 11.42
CA SER A 280 15.00 12.01 11.28
C SER A 280 15.61 11.77 9.88
N PRO A 281 16.67 10.98 9.79
CA PRO A 281 17.27 10.72 8.50
C PRO A 281 16.55 9.50 7.91
N ARG A 282 15.22 9.59 7.89
CA ARG A 282 14.39 8.53 7.44
C ARG A 282 12.95 9.03 7.62
N PRO A 283 11.94 8.23 7.20
CA PRO A 283 10.54 8.60 7.37
C PRO A 283 10.28 8.89 8.85
N HIS A 284 9.35 9.84 9.07
CA HIS A 284 8.95 10.41 10.35
C HIS A 284 7.52 10.00 10.79
N ASP A 285 7.30 9.79 12.08
CA ASP A 285 5.98 9.39 12.52
C ASP A 285 4.86 10.35 12.08
N THR A 286 5.09 11.67 12.27
CA THR A 286 4.06 12.64 11.91
C THR A 286 3.72 12.55 10.44
N GLY A 287 4.70 12.08 9.64
CA GLY A 287 4.54 11.94 8.19
C GLY A 287 3.56 10.83 7.80
N MET A 288 3.04 10.06 8.76
CA MET A 288 2.07 9.05 8.39
C MET A 288 0.81 9.65 7.73
N VAL A 289 0.58 10.99 7.89
CA VAL A 289 -0.55 11.63 7.22
C VAL A 289 -0.49 11.40 5.70
N THR A 290 0.75 11.33 5.18
CA THR A 290 1.02 11.14 3.75
C THR A 290 0.53 9.80 3.15
N LEU A 291 0.10 8.89 4.07
CA LEU A 291 -0.50 7.63 3.66
C LEU A 291 -1.85 7.94 2.97
N ILE A 292 -2.44 9.10 3.27
CA ILE A 292 -3.72 9.48 2.66
C ILE A 292 -3.59 10.77 1.84
N SER A 293 -2.68 11.63 2.19
CA SER A 293 -2.58 12.97 1.60
C SER A 293 -1.78 13.15 0.33
N GLN A 294 -0.99 12.15 -0.06
CA GLN A 294 -0.16 12.32 -1.25
C GLN A 294 -0.22 11.13 -2.19
N ASP A 295 0.19 11.37 -3.45
CA ASP A 295 0.24 10.29 -4.40
C ASP A 295 1.31 9.32 -3.92
N LEU A 296 2.43 9.90 -3.51
CA LEU A 296 3.57 9.14 -3.03
C LEU A 296 3.73 9.41 -1.54
N SER A 297 3.53 8.39 -0.70
CA SER A 297 3.66 8.56 0.74
C SER A 297 5.14 8.78 1.08
N GLU A 298 5.40 9.27 2.30
CA GLU A 298 6.83 9.50 2.71
C GLU A 298 7.64 8.21 2.58
N PHE A 299 6.94 7.06 2.73
CA PHE A 299 7.60 5.75 2.60
C PHE A 299 7.98 5.46 1.16
N ALA A 300 7.03 5.73 0.23
CA ALA A 300 7.30 5.53 -1.16
C ALA A 300 8.41 6.49 -1.60
N LEU A 301 8.40 7.70 -1.09
CA LEU A 301 9.44 8.67 -1.47
C LEU A 301 10.83 8.24 -0.95
N HIS A 302 10.89 7.72 0.29
CA HIS A 302 12.17 7.28 0.84
C HIS A 302 12.78 6.21 -0.08
N VAL A 303 11.96 5.22 -0.45
CA VAL A 303 12.36 4.10 -1.32
C VAL A 303 12.79 4.61 -2.69
N ARG A 304 11.96 5.45 -3.28
CA ARG A 304 12.28 6.00 -4.58
C ARG A 304 13.68 6.62 -4.57
N ALA A 305 13.89 7.51 -3.57
CA ALA A 305 15.17 8.20 -3.44
C ALA A 305 16.40 7.30 -3.23
N PHE A 306 16.33 6.43 -2.26
CA PHE A 306 17.44 5.56 -1.94
C PHE A 306 17.84 4.59 -3.04
N LEU A 307 16.88 4.25 -3.89
CA LEU A 307 17.06 3.35 -5.01
C LEU A 307 17.76 4.10 -6.16
N GLY A 308 17.93 5.42 -5.99
CA GLY A 308 18.59 6.26 -6.99
C GLY A 308 17.68 6.72 -8.10
N LEU A 309 16.36 6.65 -7.88
CA LEU A 309 15.41 7.07 -8.87
C LEU A 309 15.04 8.51 -8.64
N PRO A 310 14.70 9.27 -9.68
CA PRO A 310 14.29 10.68 -9.51
C PRO A 310 12.87 10.80 -8.90
N VAL A 311 12.70 11.77 -8.01
CA VAL A 311 11.37 11.98 -7.45
C VAL A 311 10.42 12.61 -8.47
N GLY A 312 10.92 13.64 -9.18
CA GLY A 312 10.16 14.32 -10.18
C GLY A 312 9.22 15.35 -9.57
N GLY A 313 8.30 14.87 -8.77
CA GLY A 313 7.35 15.78 -8.15
C GLY A 313 6.47 15.03 -7.16
N ILE A 314 5.80 15.77 -6.30
CA ILE A 314 4.92 15.18 -5.30
C ILE A 314 3.53 15.84 -5.36
N ARG A 315 2.51 15.02 -5.40
CA ARG A 315 1.14 15.54 -5.44
C ARG A 315 0.47 15.45 -4.06
N GLN A 316 -0.13 16.59 -3.64
CA GLN A 316 -0.84 16.76 -2.38
C GLN A 316 -2.36 16.87 -2.70
N TYR A 317 -3.17 15.95 -2.13
CA TYR A 317 -4.60 15.88 -2.44
C TYR A 317 -5.57 16.86 -1.79
N GLY A 318 -5.08 17.71 -0.88
CA GLY A 318 -5.91 18.65 -0.18
C GLY A 318 -5.74 18.39 1.32
N PRO A 319 -6.50 19.13 2.12
CA PRO A 319 -6.47 19.01 3.57
C PRO A 319 -6.67 17.59 4.10
N ALA A 320 -5.74 17.17 4.97
CA ALA A 320 -5.77 15.83 5.55
C ALA A 320 -5.16 15.80 6.96
N ALA A 321 -5.44 14.69 7.67
CA ALA A 321 -4.86 14.53 8.99
C ALA A 321 -4.70 13.07 9.41
N SER A 322 -3.83 12.88 10.40
CA SER A 322 -3.64 11.59 11.02
C SER A 322 -3.92 11.76 12.52
N ALA A 323 -4.40 10.70 13.16
CA ALA A 323 -4.63 10.70 14.60
C ALA A 323 -4.26 9.34 15.18
N VAL A 324 -3.38 9.31 16.20
CA VAL A 324 -2.97 8.01 16.70
C VAL A 324 -3.99 7.18 17.48
N ILE A 325 -3.76 5.86 17.43
CA ILE A 325 -4.51 4.83 18.19
C ILE A 325 -3.47 4.34 19.21
N LEU A 326 -3.58 4.89 20.44
CA LEU A 326 -2.63 4.72 21.54
C LEU A 326 -3.28 4.34 22.87
N PRO A 327 -3.72 3.10 22.93
CA PRO A 327 -4.39 2.56 24.09
C PRO A 327 -3.40 2.27 25.22
N GLN A 328 -4.02 1.94 26.34
CA GLN A 328 -3.25 1.63 27.50
C GLN A 328 -3.82 0.41 28.20
N LEU A 329 -3.07 -0.67 28.12
CA LEU A 329 -3.44 -1.94 28.70
C LEU A 329 -2.27 -2.89 28.59
N THR A 330 -2.53 -4.07 29.16
CA THR A 330 -1.57 -5.17 29.19
C THR A 330 -2.19 -6.40 28.61
N SER A 331 -1.68 -6.78 27.48
CA SER A 331 -2.23 -7.94 26.82
C SER A 331 -1.29 -8.44 25.73
N GLN A 332 -1.45 -9.70 25.44
CA GLN A 332 -0.68 -10.33 24.39
C GLN A 332 -1.61 -10.88 23.32
N ASN A 333 -2.87 -10.40 23.32
CA ASN A 333 -3.89 -10.85 22.37
C ASN A 333 -4.91 -9.75 22.16
N VAL A 334 -4.42 -8.59 21.67
CA VAL A 334 -5.23 -7.41 21.45
C VAL A 334 -6.24 -7.52 20.31
N THR A 335 -7.48 -7.06 20.56
CA THR A 335 -8.56 -7.02 19.56
C THR A 335 -9.06 -5.61 19.40
N PHE A 336 -9.64 -5.36 18.23
CA PHE A 336 -10.17 -4.07 17.86
C PHE A 336 -11.60 -4.20 17.37
N ASP A 337 -12.52 -3.64 18.14
CA ASP A 337 -13.92 -3.76 17.78
C ASP A 337 -14.48 -2.40 17.34
N ASN A 338 -15.72 -2.42 16.83
CA ASN A 338 -16.37 -1.19 16.41
C ASN A 338 -15.64 -0.52 15.22
N VAL A 339 -14.92 -1.38 14.49
CA VAL A 339 -14.18 -0.90 13.34
C VAL A 339 -15.07 -0.24 12.26
N GLN A 340 -16.34 -0.69 12.20
CA GLN A 340 -17.34 -0.15 11.27
C GLN A 340 -17.64 1.34 11.50
N ASN A 341 -17.25 1.85 12.69
CA ASN A 341 -17.44 3.26 13.05
C ASN A 341 -16.13 4.05 13.01
N ALA A 342 -15.08 3.40 12.47
CA ALA A 342 -13.73 3.98 12.35
C ALA A 342 -13.28 4.25 10.91
N VAL A 343 -14.11 3.87 9.94
CA VAL A 343 -13.80 4.04 8.51
C VAL A 343 -15.07 4.45 7.79
N GLY A 344 -14.94 4.99 6.59
CA GLY A 344 -16.11 5.42 5.82
C GLY A 344 -15.65 6.43 4.78
N ALA A 345 -16.54 7.34 4.34
CA ALA A 345 -16.13 8.33 3.38
C ALA A 345 -14.99 9.18 3.88
N ASP A 346 -13.92 9.27 3.10
CA ASP A 346 -12.73 10.07 3.40
C ASP A 346 -12.10 9.73 4.75
N LEU A 347 -12.21 8.48 5.15
CA LEU A 347 -11.76 8.03 6.45
C LEU A 347 -11.27 6.60 6.41
N GLN A 348 -10.01 6.43 6.92
CA GLN A 348 -9.37 5.12 7.00
C GLN A 348 -8.60 4.93 8.28
N ILE A 349 -8.23 3.68 8.50
CA ILE A 349 -7.37 3.35 9.61
C ILE A 349 -6.30 2.36 9.16
N ARG A 350 -5.29 2.21 10.03
CA ARG A 350 -4.17 1.29 9.90
C ARG A 350 -4.01 0.67 11.33
N LEU A 351 -3.90 -0.66 11.39
CA LEU A 351 -3.66 -1.40 12.62
C LEU A 351 -2.32 -2.11 12.37
N PHE A 352 -1.32 -1.78 13.17
CA PHE A 352 0.06 -2.23 12.95
C PHE A 352 0.48 -3.72 13.03
N GLY A 353 -0.29 -4.54 13.73
CA GLY A 353 0.07 -5.95 13.93
C GLY A 353 1.04 -6.16 15.13
N LYS A 354 1.20 -5.16 16.04
CA LYS A 354 2.11 -5.31 17.20
C LYS A 354 1.60 -6.46 18.07
N PRO A 355 2.51 -7.39 18.42
CA PRO A 355 2.15 -8.63 19.13
C PRO A 355 1.60 -8.52 20.54
N GLU A 356 1.93 -7.43 21.22
CA GLU A 356 1.47 -7.25 22.59
C GLU A 356 1.56 -5.78 23.03
N ILE A 357 1.10 -5.52 24.25
CA ILE A 357 1.14 -4.20 24.81
C ILE A 357 1.27 -4.39 26.32
N ASP A 358 2.01 -3.49 26.94
CA ASP A 358 2.21 -3.49 28.38
C ASP A 358 2.36 -2.04 28.85
N GLY A 359 1.21 -1.38 28.86
CA GLY A 359 1.08 0.01 29.18
C GLY A 359 0.57 0.71 27.90
N SER A 360 1.15 1.86 27.60
CA SER A 360 0.80 2.67 26.42
C SER A 360 1.64 2.23 25.20
N ARG A 361 1.02 2.09 24.05
CA ARG A 361 1.77 1.70 22.86
C ARG A 361 0.96 2.17 21.66
N ARG A 362 1.65 2.72 20.64
CA ARG A 362 0.95 3.18 19.43
C ARG A 362 0.65 1.92 18.60
N LEU A 363 -0.62 1.49 18.62
CA LEU A 363 -1.00 0.30 17.93
C LEU A 363 -1.62 0.55 16.54
N GLY A 364 -1.99 1.78 16.21
CA GLY A 364 -2.61 2.01 14.89
C GLY A 364 -2.67 3.51 14.67
N VAL A 365 -3.31 3.91 13.56
CA VAL A 365 -3.49 5.34 13.25
C VAL A 365 -4.76 5.51 12.42
N ALA A 366 -5.49 6.62 12.61
CA ALA A 366 -6.69 6.92 11.80
C ALA A 366 -6.23 8.03 10.87
N LEU A 367 -6.82 8.04 9.68
CA LEU A 367 -6.45 9.01 8.64
C LEU A 367 -7.74 9.59 8.00
N ALA A 368 -7.75 10.89 7.70
CA ALA A 368 -8.94 11.44 7.10
C ALA A 368 -8.61 12.60 6.17
N THR A 369 -9.53 12.91 5.24
CA THR A 369 -9.36 14.10 4.39
C THR A 369 -10.62 14.97 4.57
N ALA A 370 -10.54 16.27 4.27
CA ALA A 370 -11.67 17.19 4.40
C ALA A 370 -11.37 18.45 3.63
N GLU A 371 -12.28 19.44 3.70
CA GLU A 371 -12.06 20.72 2.99
C GLU A 371 -11.17 21.66 3.76
N SER A 372 -10.89 21.31 5.03
CA SER A 372 -10.00 22.07 5.90
C SER A 372 -9.30 21.11 6.85
N VAL A 373 -8.08 21.45 7.28
CA VAL A 373 -7.34 20.61 8.23
C VAL A 373 -8.10 20.48 9.55
N VAL A 374 -8.78 21.56 9.96
CA VAL A 374 -9.55 21.49 11.19
C VAL A 374 -10.57 20.34 11.12
N ASP A 375 -11.35 20.32 10.05
CA ASP A 375 -12.33 19.29 9.90
C ASP A 375 -11.67 17.92 9.78
N ALA A 376 -10.52 17.88 9.09
CA ALA A 376 -9.78 16.61 8.89
C ALA A 376 -9.32 16.06 10.23
N ILE A 377 -8.78 16.94 11.03
CA ILE A 377 -8.30 16.54 12.34
C ILE A 377 -9.43 15.97 13.18
N GLU A 378 -10.59 16.63 13.15
CA GLU A 378 -11.69 16.13 13.95
C GLU A 378 -12.15 14.73 13.53
N ARG A 379 -12.30 14.54 12.22
CA ARG A 379 -12.72 13.27 11.65
C ARG A 379 -11.72 12.18 12.05
N ALA A 380 -10.40 12.45 11.91
CA ALA A 380 -9.39 11.42 12.28
C ALA A 380 -9.44 11.09 13.78
N LYS A 381 -9.50 12.11 14.63
CA LYS A 381 -9.54 11.93 16.09
C LYS A 381 -10.74 11.11 16.52
N HIS A 382 -11.87 11.50 15.93
CA HIS A 382 -13.11 10.84 16.23
C HIS A 382 -13.08 9.38 15.89
N ALA A 383 -12.56 9.09 14.70
CA ALA A 383 -12.43 7.69 14.23
C ALA A 383 -11.45 6.90 15.15
N ALA A 384 -10.27 7.47 15.48
CA ALA A 384 -9.32 6.76 16.32
C ALA A 384 -10.01 6.37 17.64
N GLY A 385 -10.88 7.31 18.07
CA GLY A 385 -11.61 7.14 19.31
C GLY A 385 -12.64 6.04 19.34
N GLN A 386 -13.24 5.82 18.19
CA GLN A 386 -14.28 4.83 18.03
C GLN A 386 -13.82 3.40 18.16
N VAL A 387 -12.55 3.20 17.90
CA VAL A 387 -11.99 1.88 17.99
C VAL A 387 -12.03 1.36 19.42
N LYS A 388 -12.66 0.21 19.58
CA LYS A 388 -12.73 -0.40 20.89
C LYS A 388 -11.55 -1.38 21.09
N VAL A 389 -10.51 -0.95 21.85
CA VAL A 389 -9.33 -1.80 22.03
C VAL A 389 -9.47 -2.73 23.21
N GLN A 390 -9.43 -4.04 23.00
CA GLN A 390 -9.57 -4.93 24.14
C GLN A 390 -8.48 -5.95 24.19
N GLY A 391 -8.23 -6.54 25.33
CA GLY A 391 -7.15 -7.52 25.33
C GLY A 391 -7.29 -8.58 26.40
N THR B 1 -17.85 -4.98 13.40
CA THR B 1 -16.63 -5.63 12.89
C THR B 1 -15.54 -5.61 13.95
N LEU B 2 -15.08 -6.83 14.28
CA LEU B 2 -14.03 -7.03 15.28
C LEU B 2 -12.86 -7.67 14.59
N LEU B 3 -11.68 -7.05 14.70
CA LEU B 3 -10.46 -7.60 14.12
C LEU B 3 -9.46 -7.98 15.21
N GLY B 4 -8.83 -9.14 15.03
CA GLY B 4 -7.81 -9.55 16.00
C GLY B 4 -6.46 -8.97 15.56
N THR B 5 -5.38 -9.47 16.19
CA THR B 5 -4.02 -9.05 15.82
C THR B 5 -3.38 -10.24 15.09
N ALA B 6 -2.88 -10.01 13.86
CA ALA B 6 -2.27 -11.14 13.11
C ALA B 6 -1.21 -11.85 13.95
N LEU B 7 -1.19 -13.17 13.84
CA LEU B 7 -0.22 -14.01 14.56
C LEU B 7 -0.58 -14.31 16.02
N ARG B 8 -1.61 -13.62 16.53
CA ARG B 8 -2.08 -13.79 17.89
C ARG B 8 -3.31 -14.70 17.88
N PRO B 9 -3.62 -15.33 19.01
CA PRO B 9 -4.73 -16.27 19.04
C PRO B 9 -6.06 -15.73 18.52
N ALA B 10 -6.40 -14.45 18.76
CA ALA B 10 -7.67 -13.95 18.29
C ALA B 10 -7.55 -13.40 16.86
N ALA B 11 -6.44 -13.69 16.19
CA ALA B 11 -6.26 -13.17 14.83
C ALA B 11 -7.43 -13.42 13.88
N THR B 12 -7.69 -12.43 12.98
CA THR B 12 -8.67 -12.53 11.92
C THR B 12 -7.88 -13.06 10.70
N ARG B 13 -8.35 -14.18 10.17
CA ARG B 13 -7.69 -14.85 9.04
C ARG B 13 -8.38 -14.79 7.69
N VAL B 14 -7.60 -14.35 6.70
CA VAL B 14 -8.04 -14.26 5.31
C VAL B 14 -7.19 -15.23 4.47
N MET B 15 -7.88 -16.10 3.71
CA MET B 15 -7.19 -17.03 2.83
C MET B 15 -7.43 -16.63 1.38
N LEU B 16 -6.33 -16.30 0.68
CA LEU B 16 -6.43 -15.93 -0.72
C LEU B 16 -6.32 -17.17 -1.57
N LEU B 17 -7.29 -17.36 -2.48
CA LEU B 17 -7.22 -18.50 -3.41
C LEU B 17 -6.85 -17.90 -4.76
N GLY B 18 -5.53 -17.83 -4.95
CA GLY B 18 -4.89 -17.19 -6.08
C GLY B 18 -4.04 -16.04 -5.49
N SER B 19 -2.74 -16.05 -5.84
CA SER B 19 -1.77 -15.13 -5.32
C SER B 19 -0.99 -14.31 -6.36
N GLY B 20 -1.69 -13.85 -7.44
CA GLY B 20 -1.06 -13.03 -8.49
C GLY B 20 -1.05 -11.56 -8.04
N GLU B 21 -0.78 -10.70 -9.01
CA GLU B 21 -0.70 -9.29 -8.70
C GLU B 21 -1.96 -8.69 -8.03
N LEU B 22 -3.13 -9.20 -8.38
CA LEU B 22 -4.38 -8.71 -7.82
C LEU B 22 -4.42 -9.07 -6.32
N GLY B 23 -4.17 -10.34 -6.01
CA GLY B 23 -4.11 -10.84 -4.65
C GLY B 23 -3.00 -10.14 -3.89
N LYS B 24 -1.92 -9.75 -4.58
CA LYS B 24 -0.81 -9.05 -3.90
C LYS B 24 -1.28 -7.75 -3.21
N GLU B 25 -2.10 -7.00 -3.97
CA GLU B 25 -2.66 -5.76 -3.47
C GLU B 25 -3.74 -6.03 -2.40
N VAL B 26 -4.52 -7.09 -2.56
CA VAL B 26 -5.50 -7.43 -1.54
C VAL B 26 -4.79 -7.77 -0.23
N ALA B 27 -3.66 -8.47 -0.36
CA ALA B 27 -2.85 -8.88 0.77
C ALA B 27 -2.30 -7.69 1.51
N ILE B 28 -1.76 -6.74 0.74
CA ILE B 28 -1.23 -5.51 1.35
C ILE B 28 -2.34 -4.80 2.13
N GLU B 29 -3.56 -4.77 1.55
CA GLU B 29 -4.68 -4.08 2.21
C GLU B 29 -5.12 -4.78 3.49
N CYS B 30 -5.05 -6.11 3.49
CA CYS B 30 -5.36 -6.84 4.70
C CYS B 30 -4.29 -6.55 5.81
N GLN B 31 -3.03 -6.66 5.36
CA GLN B 31 -1.87 -6.39 6.20
C GLN B 31 -1.95 -5.03 6.88
N ARG B 32 -2.38 -4.03 6.12
CA ARG B 32 -2.51 -2.68 6.63
C ARG B 32 -3.48 -2.58 7.81
N LEU B 33 -4.31 -3.64 7.97
CA LEU B 33 -5.30 -3.75 9.04
C LEU B 33 -4.92 -4.78 10.06
N GLY B 34 -3.70 -5.32 9.95
CA GLY B 34 -3.28 -6.32 10.94
C GLY B 34 -4.00 -7.65 10.78
N VAL B 35 -4.56 -7.84 9.57
CA VAL B 35 -5.27 -9.05 9.25
C VAL B 35 -4.28 -10.12 8.82
N GLU B 36 -4.52 -11.34 9.37
CA GLU B 36 -3.66 -12.48 9.07
C GLU B 36 -3.93 -13.00 7.65
N VAL B 37 -2.86 -13.10 6.81
CA VAL B 37 -3.02 -13.53 5.42
C VAL B 37 -2.32 -14.81 5.08
N ILE B 38 -3.12 -15.76 4.59
CA ILE B 38 -2.59 -17.06 4.12
C ILE B 38 -2.76 -17.07 2.60
N ALA B 39 -1.64 -17.01 1.83
CA ALA B 39 -1.75 -16.97 0.37
C ALA B 39 -1.57 -18.34 -0.29
N VAL B 40 -2.62 -18.77 -1.02
CA VAL B 40 -2.59 -20.06 -1.67
C VAL B 40 -2.53 -19.89 -3.20
N ASP B 41 -1.76 -20.78 -3.86
CA ASP B 41 -1.62 -20.79 -5.30
C ASP B 41 -1.07 -22.13 -5.73
N ARG B 42 -0.94 -22.27 -7.04
CA ARG B 42 -0.46 -23.54 -7.57
C ARG B 42 1.04 -23.60 -7.78
N TYR B 43 1.71 -22.50 -7.52
CA TYR B 43 3.15 -22.45 -7.67
C TYR B 43 3.75 -21.64 -6.52
N ALA B 44 5.04 -21.94 -6.18
CA ALA B 44 5.73 -21.24 -5.12
C ALA B 44 6.18 -19.82 -5.46
N ASP B 45 6.22 -19.00 -4.42
CA ASP B 45 6.69 -17.64 -4.56
C ASP B 45 5.87 -16.76 -5.46
N ALA B 46 4.57 -17.06 -5.49
CA ALA B 46 3.63 -16.24 -6.24
C ALA B 46 3.58 -14.84 -5.57
N PRO B 47 3.38 -13.76 -6.38
CA PRO B 47 3.33 -12.38 -5.87
C PRO B 47 2.74 -12.17 -4.48
N ALA B 48 1.49 -12.61 -4.24
CA ALA B 48 0.80 -12.43 -2.94
C ALA B 48 1.48 -13.16 -1.80
N MET B 49 2.17 -14.25 -2.14
CA MET B 49 2.90 -14.95 -1.08
C MET B 49 4.07 -14.12 -0.51
N HIS B 50 4.64 -13.21 -1.32
CA HIS B 50 5.75 -12.41 -0.83
C HIS B 50 5.36 -11.51 0.31
N VAL B 51 4.08 -11.08 0.32
CA VAL B 51 3.59 -10.20 1.35
C VAL B 51 2.60 -10.88 2.30
N ALA B 52 2.49 -12.19 2.29
CA ALA B 52 1.56 -12.86 3.18
C ALA B 52 2.27 -13.37 4.43
N HIS B 53 1.50 -13.77 5.46
CA HIS B 53 2.08 -14.34 6.68
C HIS B 53 2.63 -15.71 6.37
N ARG B 54 1.89 -16.44 5.57
CA ARG B 54 2.32 -17.76 5.17
C ARG B 54 1.62 -18.19 3.88
N SER B 55 2.13 -19.26 3.25
CA SER B 55 1.55 -19.68 2.00
C SER B 55 1.45 -21.18 1.87
N HIS B 56 0.65 -21.63 0.93
CA HIS B 56 0.48 -23.04 0.63
C HIS B 56 0.41 -23.18 -0.87
N VAL B 57 1.04 -24.22 -1.40
CA VAL B 57 1.03 -24.53 -2.82
C VAL B 57 0.13 -25.75 -2.99
N ILE B 58 -0.99 -25.58 -3.68
CA ILE B 58 -1.82 -26.73 -3.88
C ILE B 58 -2.51 -26.58 -5.20
N ASN B 59 -3.17 -27.70 -5.58
CA ASN B 59 -3.99 -27.70 -6.76
C ASN B 59 -5.39 -27.26 -6.34
N MET B 60 -5.66 -25.97 -6.55
CA MET B 60 -6.93 -25.36 -6.15
C MET B 60 -8.20 -25.89 -6.84
N LEU B 61 -8.00 -26.63 -7.93
CA LEU B 61 -9.07 -27.25 -8.70
C LEU B 61 -9.42 -28.61 -8.07
N ASP B 62 -8.56 -29.05 -7.16
CA ASP B 62 -8.79 -30.29 -6.43
C ASP B 62 -9.57 -29.96 -5.16
N GLY B 63 -10.86 -30.30 -5.20
CA GLY B 63 -11.70 -30.04 -4.05
C GLY B 63 -11.16 -30.58 -2.73
N ASP B 64 -10.65 -31.81 -2.74
CA ASP B 64 -10.16 -32.40 -1.50
C ASP B 64 -8.99 -31.65 -0.94
N ALA B 65 -8.12 -31.22 -1.82
CA ALA B 65 -6.93 -30.45 -1.47
C ALA B 65 -7.36 -29.10 -0.87
N LEU B 66 -8.35 -28.47 -1.48
CA LEU B 66 -8.87 -27.20 -0.97
C LEU B 66 -9.45 -27.35 0.44
N ARG B 67 -10.28 -28.40 0.65
CA ARG B 67 -10.86 -28.64 1.94
C ARG B 67 -9.77 -28.81 2.97
N ARG B 68 -8.77 -29.60 2.63
CA ARG B 68 -7.66 -29.81 3.57
C ARG B 68 -6.99 -28.47 4.02
N VAL B 69 -6.59 -27.64 3.03
CA VAL B 69 -5.91 -26.36 3.31
C VAL B 69 -6.77 -25.45 4.17
N VAL B 70 -8.04 -25.41 3.80
CA VAL B 70 -9.01 -24.61 4.52
C VAL B 70 -9.17 -25.07 5.98
N GLU B 71 -9.32 -26.40 6.10
CA GLU B 71 -9.49 -27.00 7.40
C GLU B 71 -8.27 -26.80 8.24
N LEU B 72 -7.16 -26.80 7.57
CA LEU B 72 -5.94 -26.61 8.27
C LEU B 72 -5.78 -25.19 8.81
N GLU B 73 -6.13 -24.20 7.98
CA GLU B 73 -5.97 -22.81 8.39
C GLU B 73 -7.17 -22.16 9.06
N LYS B 74 -8.35 -22.75 8.90
CA LYS B 74 -9.54 -22.21 9.52
C LYS B 74 -9.65 -20.71 9.30
N PRO B 75 -9.79 -20.31 8.07
CA PRO B 75 -9.90 -18.90 7.74
C PRO B 75 -11.31 -18.41 8.05
N HIS B 76 -11.40 -17.13 8.35
CA HIS B 76 -12.63 -16.42 8.62
C HIS B 76 -13.17 -15.92 7.26
N TYR B 77 -12.25 -15.82 6.29
CA TYR B 77 -12.65 -15.37 4.98
C TYR B 77 -11.84 -16.11 3.95
N ILE B 78 -12.60 -16.62 2.96
CA ILE B 78 -12.06 -17.33 1.79
C ILE B 78 -12.27 -16.36 0.63
N VAL B 79 -11.16 -15.86 0.09
CA VAL B 79 -11.21 -14.85 -0.95
C VAL B 79 -10.62 -15.34 -2.27
N PRO B 80 -11.50 -15.76 -3.18
CA PRO B 80 -11.03 -16.21 -4.47
C PRO B 80 -10.39 -15.05 -5.21
N GLU B 81 -9.26 -15.32 -5.88
CA GLU B 81 -8.56 -14.28 -6.60
C GLU B 81 -8.51 -14.56 -8.13
N ILE B 82 -8.87 -15.77 -8.53
CA ILE B 82 -8.90 -16.25 -9.93
C ILE B 82 -10.16 -17.06 -10.14
N GLU B 83 -10.49 -17.30 -11.40
CA GLU B 83 -11.69 -18.06 -11.69
C GLU B 83 -11.53 -19.54 -11.48
N ALA B 84 -10.32 -20.01 -11.80
CA ALA B 84 -9.93 -21.43 -11.73
C ALA B 84 -9.80 -22.08 -10.38
N ILE B 85 -10.90 -22.28 -9.70
CA ILE B 85 -10.85 -22.93 -8.40
C ILE B 85 -12.01 -23.92 -8.32
N ALA B 86 -11.99 -24.84 -7.36
CA ALA B 86 -13.07 -25.81 -7.22
C ALA B 86 -14.31 -25.19 -6.53
N THR B 87 -15.10 -24.48 -7.35
CA THR B 87 -16.29 -23.77 -6.86
C THR B 87 -17.30 -24.61 -6.12
N ASP B 88 -17.26 -25.89 -6.40
CA ASP B 88 -18.17 -26.83 -5.77
C ASP B 88 -17.89 -27.09 -4.31
N MET B 89 -16.59 -27.13 -4.05
CA MET B 89 -16.09 -27.31 -2.72
C MET B 89 -16.35 -26.01 -2.01
N LEU B 90 -16.29 -24.87 -2.72
CA LEU B 90 -16.59 -23.60 -2.04
C LEU B 90 -18.03 -23.60 -1.51
N ILE B 91 -18.91 -24.10 -2.38
CA ILE B 91 -20.32 -24.21 -2.05
C ILE B 91 -20.53 -25.09 -0.83
N GLN B 92 -19.85 -26.22 -0.82
CA GLN B 92 -19.93 -27.14 0.30
C GLN B 92 -19.42 -26.54 1.60
N LEU B 93 -18.26 -25.91 1.48
CA LEU B 93 -17.63 -25.30 2.64
C LEU B 93 -18.49 -24.18 3.20
N GLU B 94 -19.07 -23.38 2.30
CA GLU B 94 -19.93 -22.30 2.72
C GLU B 94 -21.10 -22.89 3.49
N GLU B 95 -21.61 -23.96 2.92
CA GLU B 95 -22.69 -24.70 3.51
C GLU B 95 -22.27 -25.20 4.89
N GLU B 96 -20.98 -25.42 5.03
CA GLU B 96 -20.46 -25.88 6.31
C GLU B 96 -20.20 -24.75 7.29
N GLY B 97 -20.41 -23.53 6.85
CA GLY B 97 -20.19 -22.45 7.76
C GLY B 97 -19.13 -21.49 7.34
N LEU B 98 -18.38 -21.86 6.29
CA LEU B 98 -17.31 -20.98 5.83
C LEU B 98 -17.79 -19.72 5.10
N ASN B 99 -17.09 -18.60 5.33
CA ASN B 99 -17.42 -17.35 4.66
C ASN B 99 -16.58 -17.23 3.38
N VAL B 100 -17.28 -17.34 2.25
CA VAL B 100 -16.72 -17.24 0.91
C VAL B 100 -17.11 -15.88 0.34
N VAL B 101 -16.10 -15.13 -0.15
CA VAL B 101 -16.34 -13.77 -0.69
C VAL B 101 -16.55 -13.74 -2.20
N PRO B 102 -17.63 -13.10 -2.71
CA PRO B 102 -18.71 -12.42 -1.96
C PRO B 102 -19.71 -13.43 -1.40
N CYS B 103 -19.83 -14.55 -2.12
CA CYS B 103 -20.62 -15.71 -1.77
C CYS B 103 -20.24 -16.82 -2.72
N ALA B 104 -20.37 -18.07 -2.31
CA ALA B 104 -19.99 -19.21 -3.14
C ALA B 104 -20.77 -19.29 -4.44
N ARG B 105 -22.06 -19.07 -4.39
CA ARG B 105 -22.88 -19.14 -5.58
C ARG B 105 -22.39 -18.16 -6.66
N ALA B 106 -22.09 -16.91 -6.23
CA ALA B 106 -21.60 -15.91 -7.17
C ALA B 106 -20.36 -16.45 -7.91
N THR B 107 -19.53 -17.21 -7.19
CA THR B 107 -18.31 -17.78 -7.78
C THR B 107 -18.61 -18.82 -8.82
N LYS B 108 -19.57 -19.66 -8.47
CA LYS B 108 -19.90 -20.68 -9.39
C LYS B 108 -20.56 -20.16 -10.66
N LEU B 109 -21.57 -19.33 -10.48
CA LEU B 109 -22.34 -18.76 -11.57
C LEU B 109 -21.51 -18.01 -12.61
N THR B 110 -20.57 -17.21 -12.12
CA THR B 110 -19.76 -16.40 -13.01
C THR B 110 -18.68 -17.21 -13.75
N MET B 111 -18.35 -18.36 -13.18
CA MET B 111 -17.33 -19.23 -13.70
C MET B 111 -17.80 -19.92 -14.96
N ASN B 112 -19.11 -19.97 -15.08
CA ASN B 112 -19.78 -20.58 -16.20
C ASN B 112 -20.63 -19.56 -16.91
N ARG B 113 -20.25 -19.29 -18.17
CA ARG B 113 -20.92 -18.33 -19.05
C ARG B 113 -22.42 -18.58 -19.24
N GLU B 114 -22.81 -19.81 -19.00
CA GLU B 114 -24.19 -20.20 -19.16
C GLU B 114 -25.03 -19.68 -18.00
N GLY B 115 -24.55 -19.94 -16.75
CA GLY B 115 -25.25 -19.48 -15.55
C GLY B 115 -25.47 -17.96 -15.54
N ILE B 116 -24.33 -17.28 -15.70
CA ILE B 116 -24.34 -15.85 -15.70
C ILE B 116 -25.15 -15.23 -16.82
N ARG B 117 -25.03 -15.76 -18.03
CA ARG B 117 -25.76 -15.14 -19.13
C ARG B 117 -27.27 -15.33 -18.99
N ARG B 118 -27.66 -16.52 -18.47
CA ARG B 118 -29.07 -16.78 -18.26
C ARG B 118 -29.60 -15.86 -17.16
N LEU B 119 -28.87 -15.78 -16.06
CA LEU B 119 -29.28 -14.91 -14.97
C LEU B 119 -29.54 -13.49 -15.46
N ALA B 120 -28.55 -12.89 -16.08
CA ALA B 120 -28.67 -11.54 -16.53
C ALA B 120 -29.72 -11.31 -17.58
N ALA B 121 -29.65 -12.11 -18.63
CA ALA B 121 -30.54 -11.95 -19.76
C ALA B 121 -31.96 -12.36 -19.47
N GLU B 122 -32.04 -13.55 -18.93
CA GLU B 122 -33.34 -14.10 -18.66
C GLU B 122 -33.99 -13.59 -17.38
N GLU B 123 -33.49 -14.04 -16.28
CA GLU B 123 -34.01 -13.67 -14.96
C GLU B 123 -34.06 -12.16 -14.72
N LEU B 124 -32.94 -11.46 -14.98
CA LEU B 124 -32.84 -10.04 -14.70
C LEU B 124 -33.38 -9.19 -15.78
N GLN B 125 -33.52 -9.81 -16.94
CA GLN B 125 -34.06 -9.07 -18.07
C GLN B 125 -33.19 -7.89 -18.52
N LEU B 126 -31.86 -8.05 -18.52
CA LEU B 126 -30.98 -6.95 -18.97
C LEU B 126 -30.50 -7.15 -20.41
N PRO B 127 -30.14 -6.05 -21.12
CA PRO B 127 -29.61 -6.15 -22.48
C PRO B 127 -28.25 -6.82 -22.52
N THR B 128 -28.10 -7.82 -23.39
CA THR B 128 -26.87 -8.56 -23.58
C THR B 128 -26.74 -8.77 -25.11
N SER B 129 -25.77 -9.49 -25.59
CA SER B 129 -25.71 -9.77 -27.00
C SER B 129 -26.74 -10.88 -27.21
N THR B 130 -26.92 -11.27 -28.48
CA THR B 130 -27.81 -12.37 -28.82
C THR B 130 -27.03 -13.62 -28.42
N TYR B 131 -27.67 -14.65 -27.90
CA TYR B 131 -26.77 -15.77 -27.54
C TYR B 131 -27.35 -17.16 -27.84
N ARG B 132 -26.52 -18.21 -27.71
CA ARG B 132 -26.97 -19.56 -27.88
C ARG B 132 -26.03 -20.59 -27.29
N PHE B 133 -26.63 -21.73 -26.86
CA PHE B 133 -25.86 -22.81 -26.27
C PHE B 133 -25.92 -24.06 -27.12
N ALA B 134 -24.79 -24.71 -27.25
CA ALA B 134 -24.75 -25.91 -28.02
C ALA B 134 -23.74 -26.86 -27.38
N ASP B 135 -23.90 -28.16 -27.64
CA ASP B 135 -22.96 -29.09 -27.06
C ASP B 135 -22.34 -30.12 -28.03
N SER B 136 -22.12 -29.71 -29.30
CA SER B 136 -21.50 -30.57 -30.32
C SER B 136 -21.08 -29.81 -31.59
N GLU B 137 -20.01 -30.24 -32.29
CA GLU B 137 -19.59 -29.59 -33.53
C GLU B 137 -20.85 -29.31 -34.32
N SER B 138 -21.77 -30.27 -34.24
CA SER B 138 -23.04 -30.22 -34.92
C SER B 138 -23.87 -29.11 -34.37
N LEU B 139 -23.89 -29.08 -33.04
CA LEU B 139 -24.61 -28.08 -32.32
C LEU B 139 -23.92 -26.74 -32.53
N PHE B 140 -22.56 -26.73 -32.40
CA PHE B 140 -21.71 -25.54 -32.63
C PHE B 140 -22.11 -24.94 -33.96
N ARG B 141 -22.01 -25.84 -34.98
CA ARG B 141 -22.29 -25.61 -36.40
C ARG B 141 -23.65 -25.00 -36.60
N GLU B 142 -24.64 -25.70 -36.11
CA GLU B 142 -25.97 -25.18 -36.25
C GLU B 142 -26.24 -23.90 -35.48
N ALA B 143 -25.47 -23.66 -34.41
CA ALA B 143 -25.67 -22.47 -33.58
C ALA B 143 -25.13 -21.23 -34.27
N VAL B 144 -23.88 -21.38 -34.65
CA VAL B 144 -23.09 -20.37 -35.33
C VAL B 144 -23.81 -19.94 -36.58
N ALA B 145 -24.75 -20.74 -36.96
CA ALA B 145 -25.58 -20.45 -38.10
C ALA B 145 -26.71 -19.55 -37.58
N ASP B 146 -27.11 -19.86 -36.37
CA ASP B 146 -28.16 -19.13 -35.70
C ASP B 146 -27.75 -17.70 -35.37
N ILE B 147 -26.51 -17.58 -34.96
CA ILE B 147 -25.94 -16.30 -34.63
C ILE B 147 -25.69 -15.55 -35.95
N GLY B 148 -24.98 -16.24 -36.83
CA GLY B 148 -24.59 -15.72 -38.11
C GLY B 148 -23.28 -15.00 -37.92
N TYR B 149 -22.79 -14.38 -38.97
CA TYR B 149 -21.55 -13.65 -38.79
C TYR B 149 -21.83 -12.17 -38.84
N PRO B 150 -20.98 -11.36 -38.21
CA PRO B 150 -19.81 -11.69 -37.39
C PRO B 150 -20.26 -12.58 -36.19
N CYS B 151 -19.35 -13.33 -35.55
CA CYS B 151 -19.78 -14.14 -34.39
C CYS B 151 -18.69 -14.61 -33.41
N ILE B 152 -19.04 -14.74 -32.09
CA ILE B 152 -18.05 -15.20 -31.10
C ILE B 152 -18.27 -16.62 -30.51
N VAL B 153 -17.17 -17.29 -30.19
CA VAL B 153 -17.20 -18.61 -29.67
C VAL B 153 -16.34 -18.75 -28.47
N LYS B 154 -16.97 -19.24 -27.42
CA LYS B 154 -16.20 -19.41 -26.24
C LYS B 154 -16.59 -20.65 -25.46
N PRO B 155 -15.60 -21.33 -24.87
CA PRO B 155 -15.95 -22.46 -24.03
C PRO B 155 -16.83 -21.87 -22.87
N VAL B 156 -17.68 -22.66 -22.21
CA VAL B 156 -18.41 -22.05 -21.11
C VAL B 156 -17.50 -21.96 -19.92
N MET B 157 -16.27 -22.48 -20.14
CA MET B 157 -15.17 -22.52 -19.20
C MET B 157 -13.85 -21.96 -19.79
N SER B 158 -14.01 -20.68 -20.26
CA SER B 158 -12.98 -19.82 -20.91
C SER B 158 -12.66 -18.52 -20.14
N SER B 159 -11.42 -18.03 -20.33
CA SER B 159 -10.92 -16.81 -19.71
C SER B 159 -9.75 -16.26 -20.52
N SER B 160 -9.58 -14.94 -20.53
CA SER B 160 -8.51 -14.28 -21.28
C SER B 160 -8.54 -14.73 -22.74
N GLY B 161 -9.75 -15.15 -23.14
CA GLY B 161 -10.03 -15.65 -24.47
C GLY B 161 -9.58 -17.12 -24.60
N LYS B 162 -9.15 -17.71 -23.49
CA LYS B 162 -8.70 -19.08 -23.51
C LYS B 162 -9.65 -19.99 -24.31
N GLY B 163 -9.31 -20.24 -25.57
CA GLY B 163 -10.10 -21.10 -26.41
C GLY B 163 -11.17 -20.39 -27.17
N GLN B 164 -11.03 -19.11 -27.31
CA GLN B 164 -12.03 -18.32 -28.01
C GLN B 164 -11.75 -18.08 -29.47
N THR B 165 -12.81 -17.92 -30.24
CA THR B 165 -12.60 -17.70 -31.64
C THR B 165 -13.53 -16.68 -32.29
N PHE B 166 -12.94 -15.68 -32.94
CA PHE B 166 -13.71 -14.66 -33.62
C PHE B 166 -14.08 -15.16 -34.98
N ILE B 167 -15.35 -15.41 -35.19
CA ILE B 167 -15.75 -15.98 -36.44
C ILE B 167 -16.54 -15.16 -37.46
N ARG B 168 -15.81 -14.88 -38.55
CA ARG B 168 -16.32 -14.18 -39.74
C ARG B 168 -16.49 -15.24 -40.83
N SER B 169 -15.62 -16.30 -40.74
CA SER B 169 -15.63 -17.38 -41.71
C SER B 169 -15.85 -18.87 -41.31
N ALA B 170 -16.61 -19.47 -42.25
CA ALA B 170 -17.04 -20.84 -42.26
C ALA B 170 -15.86 -21.78 -42.18
N GLU B 171 -14.77 -21.37 -42.79
CA GLU B 171 -13.52 -22.14 -42.80
C GLU B 171 -13.00 -22.37 -41.38
N GLN B 172 -13.05 -21.31 -40.58
CA GLN B 172 -12.61 -21.34 -39.18
C GLN B 172 -13.15 -22.56 -38.40
N LEU B 173 -14.49 -22.84 -38.53
CA LEU B 173 -15.22 -23.95 -37.85
C LEU B 173 -14.46 -25.26 -37.75
N ALA B 174 -13.37 -25.33 -38.49
CA ALA B 174 -12.46 -26.47 -38.46
C ALA B 174 -11.71 -26.27 -37.15
N GLN B 175 -10.98 -25.14 -37.21
CA GLN B 175 -10.16 -24.53 -36.16
C GLN B 175 -10.99 -24.39 -34.90
N ALA B 176 -12.00 -23.50 -35.03
CA ALA B 176 -12.96 -23.07 -34.01
C ALA B 176 -13.23 -24.10 -32.94
N TRP B 177 -14.10 -25.03 -33.37
CA TRP B 177 -14.55 -26.10 -32.55
C TRP B 177 -13.43 -26.85 -31.84
N LYS B 178 -12.33 -27.10 -32.53
CA LYS B 178 -11.17 -27.80 -31.94
C LYS B 178 -10.55 -26.96 -30.80
N TYR B 179 -10.40 -25.65 -31.11
CA TYR B 179 -9.81 -24.70 -30.17
C TYR B 179 -10.61 -24.65 -28.90
N ALA B 180 -11.96 -24.60 -29.09
CA ALA B 180 -12.91 -24.60 -27.97
C ALA B 180 -12.65 -25.75 -26.98
N GLN B 181 -11.87 -26.75 -27.43
CA GLN B 181 -11.48 -27.92 -26.66
C GLN B 181 -9.95 -27.92 -26.44
N GLY B 189 -15.90 -31.14 -23.73
CA GLY B 189 -16.33 -29.86 -23.27
C GLY B 189 -17.57 -29.29 -24.00
N ARG B 190 -17.98 -28.08 -23.62
CA ARG B 190 -19.16 -27.42 -24.20
C ARG B 190 -19.06 -25.88 -24.36
N VAL B 191 -19.88 -25.30 -25.26
CA VAL B 191 -19.79 -23.88 -25.55
C VAL B 191 -21.01 -22.98 -25.77
N ILE B 192 -20.61 -21.71 -25.83
CA ILE B 192 -21.43 -20.50 -26.03
C ILE B 192 -21.00 -19.75 -27.28
N VAL B 193 -22.03 -19.30 -27.99
CA VAL B 193 -21.86 -18.60 -29.24
C VAL B 193 -22.65 -17.31 -29.27
N GLU B 194 -21.90 -16.18 -29.29
CA GLU B 194 -22.48 -14.84 -29.30
C GLU B 194 -22.31 -14.04 -30.56
N GLY B 195 -23.37 -13.25 -30.75
CA GLY B 195 -23.57 -12.34 -31.86
C GLY B 195 -23.13 -10.89 -31.64
N VAL B 196 -21.98 -10.58 -32.24
CA VAL B 196 -21.29 -9.30 -32.23
C VAL B 196 -22.10 -8.03 -32.02
N VAL B 197 -21.57 -7.24 -31.08
CA VAL B 197 -22.08 -5.95 -30.66
C VAL B 197 -21.13 -4.89 -31.18
N LYS B 198 -21.66 -3.85 -31.82
CA LYS B 198 -20.74 -2.82 -32.28
C LYS B 198 -20.90 -1.62 -31.37
N PHE B 199 -20.03 -1.56 -30.38
CA PHE B 199 -20.05 -0.53 -29.37
C PHE B 199 -19.14 0.62 -29.70
N ASP B 200 -19.34 1.78 -29.09
CA ASP B 200 -18.36 2.85 -29.31
C ASP B 200 -17.12 2.51 -28.49
N PHE B 201 -17.35 1.96 -27.29
CA PHE B 201 -16.26 1.57 -26.43
C PHE B 201 -16.79 0.64 -25.34
N GLU B 202 -15.87 0.00 -24.64
CA GLU B 202 -16.17 -0.92 -23.56
C GLU B 202 -15.69 -0.27 -22.27
N ILE B 203 -16.36 -0.59 -21.16
CA ILE B 203 -15.94 -0.12 -19.84
C ILE B 203 -16.06 -1.23 -18.80
N THR B 204 -15.31 -1.02 -17.73
CA THR B 204 -15.37 -1.86 -16.55
C THR B 204 -15.93 -0.93 -15.48
N LEU B 205 -17.09 -1.30 -14.95
CA LEU B 205 -17.72 -0.52 -13.91
C LEU B 205 -17.48 -1.29 -12.62
N LEU B 206 -16.46 -0.83 -11.84
CA LEU B 206 -16.09 -1.48 -10.58
C LEU B 206 -17.11 -1.05 -9.55
N THR B 207 -17.88 -2.05 -9.11
CA THR B 207 -19.02 -1.85 -8.25
C THR B 207 -18.83 -2.53 -6.92
N VAL B 208 -18.92 -1.77 -5.85
CA VAL B 208 -18.69 -2.39 -4.55
C VAL B 208 -20.01 -2.52 -3.81
N SER B 209 -20.21 -3.71 -3.29
CA SER B 209 -21.40 -4.07 -2.52
C SER B 209 -20.95 -4.23 -1.09
N ALA B 210 -21.44 -3.35 -0.21
CA ALA B 210 -21.02 -3.35 1.16
C ALA B 210 -22.21 -3.13 2.09
N VAL B 211 -21.87 -3.06 3.38
CA VAL B 211 -22.88 -2.82 4.42
C VAL B 211 -23.77 -1.57 4.18
N ASP B 212 -23.16 -0.50 3.64
CA ASP B 212 -23.87 0.74 3.36
C ASP B 212 -24.38 0.82 1.94
N GLY B 213 -24.59 -0.33 1.32
CA GLY B 213 -25.12 -0.42 -0.04
C GLY B 213 -24.10 -0.55 -1.16
N VAL B 214 -24.54 -0.22 -2.37
CA VAL B 214 -23.72 -0.34 -3.57
C VAL B 214 -23.23 1.03 -4.01
N HIS B 215 -21.91 1.11 -4.22
CA HIS B 215 -21.25 2.35 -4.70
C HIS B 215 -20.45 1.98 -5.94
N PHE B 216 -20.21 2.96 -6.79
CA PHE B 216 -19.49 2.76 -8.05
C PHE B 216 -18.27 3.61 -8.19
N CYS B 217 -17.27 3.02 -8.83
CA CYS B 217 -16.10 3.80 -9.14
C CYS B 217 -16.41 4.48 -10.50
N ALA B 218 -15.68 5.57 -10.83
CA ALA B 218 -15.83 6.20 -12.14
C ALA B 218 -15.52 5.12 -13.23
N PRO B 219 -16.25 5.15 -14.34
CA PRO B 219 -16.06 4.15 -15.38
C PRO B 219 -14.61 4.07 -15.89
N VAL B 220 -14.14 2.82 -16.02
CA VAL B 220 -12.83 2.52 -16.50
C VAL B 220 -12.82 2.08 -17.98
N GLY B 221 -12.13 2.83 -18.85
CA GLY B 221 -12.08 2.37 -20.22
C GLY B 221 -10.82 1.52 -20.41
N HIS B 222 -10.74 0.77 -21.49
CA HIS B 222 -9.54 -0.04 -21.68
C HIS B 222 -9.40 -0.49 -23.12
N ARG B 223 -8.19 -0.90 -23.44
CA ARG B 223 -7.84 -1.42 -24.75
C ARG B 223 -7.34 -2.84 -24.56
N GLN B 224 -7.93 -3.74 -25.31
CA GLN B 224 -7.54 -5.14 -25.26
C GLN B 224 -6.71 -5.50 -26.50
N GLU B 225 -5.84 -6.46 -26.33
CA GLU B 225 -5.07 -6.90 -27.46
C GLU B 225 -4.63 -8.34 -27.25
N ASP B 226 -4.96 -9.20 -28.20
CA ASP B 226 -4.54 -10.60 -28.09
C ASP B 226 -4.95 -11.24 -26.75
N GLY B 227 -6.16 -10.90 -26.27
CA GLY B 227 -6.74 -11.42 -25.01
C GLY B 227 -6.14 -10.83 -23.72
N ASP B 228 -5.44 -9.71 -23.85
CA ASP B 228 -4.86 -9.06 -22.69
C ASP B 228 -5.16 -7.60 -22.69
N TYR B 229 -5.58 -7.05 -21.55
CA TYR B 229 -5.79 -5.60 -21.49
C TYR B 229 -4.40 -5.01 -21.63
N ARG B 230 -4.24 -3.91 -22.38
CA ARG B 230 -2.94 -3.27 -22.58
C ARG B 230 -2.87 -1.99 -21.77
N GLU B 231 -3.90 -1.19 -21.92
CA GLU B 231 -4.03 0.04 -21.17
C GLU B 231 -5.46 0.13 -20.66
N SER B 232 -5.61 0.89 -19.57
CA SER B 232 -6.89 1.23 -18.94
C SER B 232 -6.81 2.68 -18.50
N TRP B 233 -7.97 3.30 -18.40
CA TRP B 233 -8.01 4.72 -18.00
C TRP B 233 -9.30 5.03 -17.32
N GLN B 234 -9.22 6.14 -16.63
CA GLN B 234 -10.35 6.63 -15.85
C GLN B 234 -10.25 8.16 -15.70
N PRO B 235 -11.43 8.86 -15.81
CA PRO B 235 -12.74 8.27 -16.09
C PRO B 235 -12.98 8.18 -17.60
N GLN B 236 -13.63 7.10 -18.02
CA GLN B 236 -13.99 7.01 -19.43
C GLN B 236 -15.12 8.03 -19.68
N GLN B 237 -14.98 8.87 -20.72
CA GLN B 237 -16.01 9.88 -21.06
C GLN B 237 -17.26 9.20 -21.61
N MET B 238 -18.41 9.50 -21.04
CA MET B 238 -19.64 8.92 -21.53
C MET B 238 -20.83 9.77 -21.12
N SER B 239 -22.02 9.58 -21.70
CA SER B 239 -23.16 10.41 -21.29
C SER B 239 -23.67 10.05 -19.92
N PRO B 240 -24.24 11.04 -19.25
CA PRO B 240 -24.82 10.85 -17.95
C PRO B 240 -25.92 9.83 -18.07
N LEU B 241 -26.63 9.94 -19.17
CA LEU B 241 -27.66 8.98 -19.39
C LEU B 241 -27.05 7.58 -19.51
N ALA B 242 -25.99 7.47 -20.33
CA ALA B 242 -25.34 6.18 -20.48
C ALA B 242 -24.82 5.73 -19.11
N LEU B 243 -24.21 6.65 -18.35
CA LEU B 243 -23.68 6.25 -17.06
C LEU B 243 -24.76 5.74 -16.10
N GLU B 244 -25.91 6.43 -16.13
CA GLU B 244 -27.07 6.06 -15.33
C GLU B 244 -27.48 4.64 -15.63
N ARG B 245 -27.65 4.35 -16.92
CA ARG B 245 -28.03 3.01 -17.37
C ARG B 245 -27.04 1.92 -16.91
N ALA B 246 -25.75 2.20 -17.07
CA ALA B 246 -24.66 1.30 -16.66
C ALA B 246 -24.75 0.99 -15.17
N GLN B 247 -24.98 2.05 -14.36
CA GLN B 247 -25.07 1.85 -12.92
C GLN B 247 -26.23 0.95 -12.54
N GLU B 248 -27.30 1.17 -13.27
CA GLU B 248 -28.49 0.39 -13.04
C GLU B 248 -28.28 -1.06 -13.33
N ILE B 249 -27.62 -1.29 -14.46
CA ILE B 249 -27.34 -2.66 -14.82
C ILE B 249 -26.43 -3.34 -13.78
N ALA B 250 -25.35 -2.62 -13.37
CA ALA B 250 -24.37 -3.10 -12.40
C ALA B 250 -25.00 -3.45 -11.04
N ARG B 251 -25.85 -2.52 -10.52
CA ARG B 251 -26.52 -2.75 -9.25
C ARG B 251 -27.34 -4.05 -9.30
N LYS B 252 -28.19 -4.16 -10.34
CA LYS B 252 -29.03 -5.37 -10.47
C LYS B 252 -28.23 -6.66 -10.45
N VAL B 253 -27.13 -6.63 -11.23
CA VAL B 253 -26.27 -7.79 -11.31
C VAL B 253 -25.65 -8.15 -9.95
N VAL B 254 -25.01 -7.16 -9.32
CA VAL B 254 -24.33 -7.43 -8.05
C VAL B 254 -25.27 -7.85 -6.93
N LEU B 255 -26.43 -7.23 -6.93
CA LEU B 255 -27.40 -7.58 -5.92
C LEU B 255 -27.92 -8.98 -6.17
N ALA B 256 -28.10 -9.38 -7.44
CA ALA B 256 -28.58 -10.71 -7.78
C ALA B 256 -27.55 -11.80 -7.41
N LEU B 257 -26.26 -11.49 -7.63
CA LEU B 257 -25.21 -12.46 -7.31
C LEU B 257 -25.10 -12.64 -5.80
N GLY B 258 -25.22 -11.52 -5.07
CA GLY B 258 -25.19 -11.49 -3.61
C GLY B 258 -23.82 -11.46 -2.95
N GLY B 259 -23.80 -11.07 -1.67
CA GLY B 259 -22.58 -10.98 -0.87
C GLY B 259 -21.82 -9.67 -1.05
N TYR B 260 -21.03 -9.36 -0.04
CA TYR B 260 -20.18 -8.17 -0.02
C TYR B 260 -18.84 -8.39 -0.75
N GLY B 261 -18.45 -7.39 -1.54
CA GLY B 261 -17.19 -7.42 -2.26
C GLY B 261 -17.20 -6.40 -3.39
N LEU B 262 -16.09 -6.29 -4.09
CA LEU B 262 -15.95 -5.43 -5.26
C LEU B 262 -16.13 -6.36 -6.50
N PHE B 263 -17.00 -5.94 -7.42
CA PHE B 263 -17.26 -6.70 -8.62
C PHE B 263 -16.80 -5.92 -9.86
N GLY B 264 -16.32 -6.63 -10.88
CA GLY B 264 -15.96 -5.95 -12.11
C GLY B 264 -17.07 -6.19 -13.17
N VAL B 265 -17.94 -5.22 -13.38
CA VAL B 265 -19.02 -5.35 -14.38
C VAL B 265 -18.54 -4.85 -15.77
N GLU B 266 -18.47 -5.76 -16.75
CA GLU B 266 -18.05 -5.50 -18.13
C GLU B 266 -19.26 -5.13 -18.97
N LEU B 267 -19.19 -3.94 -19.57
CA LEU B 267 -20.30 -3.40 -20.36
C LEU B 267 -19.84 -2.77 -21.66
N PHE B 268 -20.75 -2.81 -22.65
CA PHE B 268 -20.49 -2.22 -23.96
C PHE B 268 -21.34 -1.00 -24.08
N VAL B 269 -20.75 0.09 -24.58
CA VAL B 269 -21.42 1.38 -24.72
C VAL B 269 -21.59 1.85 -26.15
N CYS B 270 -22.84 2.02 -26.53
CA CYS B 270 -23.24 2.46 -27.86
C CYS B 270 -24.04 3.73 -27.72
N GLY B 271 -23.39 4.90 -27.78
CA GLY B 271 -24.13 6.13 -27.58
C GLY B 271 -24.77 6.15 -26.19
N ASP B 272 -26.10 6.27 -26.08
CA ASP B 272 -26.68 6.30 -24.75
C ASP B 272 -27.13 4.95 -24.27
N GLU B 273 -26.90 3.95 -25.11
CA GLU B 273 -27.29 2.59 -24.78
C GLU B 273 -26.13 1.85 -24.12
N VAL B 274 -26.49 0.92 -23.22
CA VAL B 274 -25.50 0.10 -22.52
C VAL B 274 -25.92 -1.36 -22.53
N ILE B 275 -24.95 -2.22 -22.81
CA ILE B 275 -25.24 -3.64 -22.86
C ILE B 275 -24.35 -4.41 -21.90
N PHE B 276 -24.95 -5.30 -21.11
CA PHE B 276 -24.13 -6.10 -20.22
C PHE B 276 -23.43 -7.18 -21.00
N SER B 277 -22.15 -7.43 -20.63
CA SER B 277 -21.35 -8.47 -21.21
C SER B 277 -21.09 -9.60 -20.18
N GLU B 278 -20.33 -9.25 -19.13
CA GLU B 278 -20.02 -10.21 -18.08
C GLU B 278 -19.62 -9.49 -16.78
N VAL B 279 -19.29 -10.31 -15.77
CA VAL B 279 -18.91 -9.75 -14.47
C VAL B 279 -17.97 -10.63 -13.66
N SER B 280 -16.96 -10.00 -13.06
CA SER B 280 -16.00 -10.71 -12.20
C SER B 280 -16.41 -10.42 -10.77
N PRO B 281 -16.68 -11.46 -9.96
CA PRO B 281 -17.11 -11.21 -8.59
C PRO B 281 -15.85 -11.02 -7.74
N ARG B 282 -14.96 -10.15 -8.22
CA ARG B 282 -13.71 -9.91 -7.51
C ARG B 282 -13.02 -8.74 -8.22
N PRO B 283 -11.94 -8.23 -7.63
CA PRO B 283 -11.18 -7.15 -8.30
C PRO B 283 -10.73 -7.61 -9.71
N HIS B 284 -10.73 -6.68 -10.63
CA HIS B 284 -10.42 -6.93 -12.03
C HIS B 284 -9.16 -6.23 -12.53
N ASP B 285 -8.40 -6.91 -13.41
CA ASP B 285 -7.13 -6.35 -13.93
C ASP B 285 -7.15 -4.90 -14.37
N THR B 286 -8.11 -4.54 -15.23
CA THR B 286 -8.23 -3.17 -15.74
C THR B 286 -8.33 -2.15 -14.61
N GLY B 287 -8.88 -2.61 -13.47
CA GLY B 287 -8.99 -1.75 -12.32
C GLY B 287 -7.66 -1.41 -11.64
N MET B 288 -6.55 -1.92 -12.17
CA MET B 288 -5.27 -1.58 -11.54
C MET B 288 -5.00 -0.04 -11.64
N VAL B 289 -5.73 0.67 -12.54
CA VAL B 289 -5.55 2.15 -12.65
C VAL B 289 -5.90 2.82 -11.29
N THR B 290 -6.84 2.21 -10.51
CA THR B 290 -7.29 2.72 -9.20
C THR B 290 -6.19 2.79 -8.14
N LEU B 291 -5.02 2.15 -8.45
CA LEU B 291 -3.86 2.21 -7.55
C LEU B 291 -3.31 3.63 -7.55
N ILE B 292 -3.59 4.44 -8.57
CA ILE B 292 -3.13 5.82 -8.58
C ILE B 292 -4.30 6.82 -8.72
N SER B 293 -5.46 6.36 -9.18
CA SER B 293 -6.57 7.25 -9.51
C SER B 293 -7.63 7.56 -8.44
N GLN B 294 -7.57 6.83 -7.33
CA GLN B 294 -8.60 6.98 -6.29
C GLN B 294 -8.03 6.93 -4.90
N ASP B 295 -8.84 7.39 -3.93
CA ASP B 295 -8.38 7.32 -2.55
C ASP B 295 -8.28 5.86 -2.11
N LEU B 296 -9.28 5.09 -2.50
CA LEU B 296 -9.29 3.66 -2.19
C LEU B 296 -9.15 2.88 -3.48
N SER B 297 -8.15 2.03 -3.54
CA SER B 297 -7.99 1.21 -4.74
C SER B 297 -9.08 0.12 -4.72
N GLU B 298 -9.27 -0.52 -5.87
CA GLU B 298 -10.29 -1.59 -5.96
C GLU B 298 -10.01 -2.70 -4.91
N PHE B 299 -8.71 -2.85 -4.58
CA PHE B 299 -8.25 -3.85 -3.61
C PHE B 299 -8.65 -3.46 -2.22
N ALA B 300 -8.41 -2.16 -1.89
CA ALA B 300 -8.80 -1.62 -0.60
C ALA B 300 -10.36 -1.70 -0.46
N LEU B 301 -11.05 -1.43 -1.58
CA LEU B 301 -12.51 -1.49 -1.58
C LEU B 301 -13.04 -2.90 -1.31
N HIS B 302 -12.43 -3.89 -1.95
CA HIS B 302 -12.79 -5.30 -1.77
C HIS B 302 -12.73 -5.68 -0.30
N VAL B 303 -11.59 -5.36 0.34
CA VAL B 303 -11.35 -5.70 1.73
C VAL B 303 -12.32 -4.98 2.66
N ARG B 304 -12.45 -3.65 2.42
CA ARG B 304 -13.38 -2.85 3.21
C ARG B 304 -14.74 -3.55 3.21
N ALA B 305 -15.22 -3.90 1.99
CA ALA B 305 -16.52 -4.53 1.80
C ALA B 305 -16.70 -5.88 2.48
N PHE B 306 -15.75 -6.78 2.23
CA PHE B 306 -15.85 -8.12 2.80
C PHE B 306 -15.77 -8.20 4.33
N LEU B 307 -15.06 -7.23 4.91
CA LEU B 307 -14.94 -7.16 6.36
C LEU B 307 -16.19 -6.61 7.04
N GLY B 308 -17.20 -6.23 6.24
CA GLY B 308 -18.42 -5.70 6.76
C GLY B 308 -18.32 -4.24 7.19
N LEU B 309 -17.38 -3.53 6.54
CA LEU B 309 -17.19 -2.13 6.83
C LEU B 309 -17.85 -1.27 5.75
N PRO B 310 -18.23 -0.06 6.14
CA PRO B 310 -18.88 0.86 5.19
C PRO B 310 -17.89 1.56 4.24
N VAL B 311 -18.32 1.78 2.98
CA VAL B 311 -17.50 2.45 1.94
C VAL B 311 -17.65 3.99 2.02
N GLY B 312 -18.91 4.47 2.07
CA GLY B 312 -19.22 5.88 2.17
C GLY B 312 -19.10 6.61 0.83
N GLY B 313 -17.88 6.64 0.27
CA GLY B 313 -17.69 7.29 -1.00
C GLY B 313 -16.36 6.90 -1.59
N ILE B 314 -16.19 7.26 -2.85
CA ILE B 314 -14.93 6.97 -3.58
C ILE B 314 -14.46 8.25 -4.29
N ARG B 315 -13.26 8.73 -3.93
CA ARG B 315 -12.74 9.93 -4.56
C ARG B 315 -11.85 9.57 -5.76
N GLN B 316 -12.10 10.27 -6.87
CA GLN B 316 -11.36 10.09 -8.11
C GLN B 316 -10.44 11.30 -8.29
N TYR B 317 -9.17 11.06 -8.57
CA TYR B 317 -8.18 12.12 -8.67
C TYR B 317 -7.89 12.68 -10.10
N GLY B 318 -8.86 12.73 -10.99
CA GLY B 318 -8.58 13.27 -12.32
C GLY B 318 -8.16 12.17 -13.28
N PRO B 319 -7.92 12.59 -14.52
CA PRO B 319 -7.50 11.65 -15.60
C PRO B 319 -6.31 10.79 -15.16
N ALA B 320 -6.45 9.46 -15.36
CA ALA B 320 -5.41 8.54 -14.93
C ALA B 320 -5.37 7.36 -15.87
N ALA B 321 -4.24 6.64 -15.90
CA ALA B 321 -4.16 5.46 -16.74
C ALA B 321 -3.19 4.44 -16.16
N SER B 322 -3.33 3.17 -16.61
CA SER B 322 -2.39 2.09 -16.32
C SER B 322 -1.95 1.57 -17.69
N ALA B 323 -0.77 1.02 -17.77
CA ALA B 323 -0.19 0.41 -18.97
C ALA B 323 0.66 -0.75 -18.50
N VAL B 324 0.34 -1.95 -19.01
CA VAL B 324 1.05 -3.17 -18.55
C VAL B 324 2.50 -3.27 -19.02
N ILE B 325 3.27 -3.98 -18.21
CA ILE B 325 4.66 -4.34 -18.51
C ILE B 325 4.53 -5.85 -18.80
N LEU B 326 4.48 -6.13 -20.14
CA LEU B 326 4.17 -7.43 -20.70
C LEU B 326 5.20 -7.93 -21.71
N PRO B 327 6.36 -8.28 -21.18
CA PRO B 327 7.44 -8.80 -22.00
C PRO B 327 7.16 -10.23 -22.44
N GLN B 328 8.01 -10.71 -23.34
CA GLN B 328 7.88 -12.06 -23.84
C GLN B 328 9.31 -12.62 -24.04
N LEU B 329 9.67 -13.54 -23.12
CA LEU B 329 11.00 -14.20 -23.05
C LEU B 329 10.95 -15.37 -22.09
N THR B 330 12.10 -16.07 -21.96
CA THR B 330 12.15 -17.21 -21.07
C THR B 330 13.31 -16.97 -20.14
N SER B 331 13.02 -16.94 -18.83
CA SER B 331 14.01 -16.68 -17.81
C SER B 331 13.46 -17.04 -16.41
N GLN B 332 14.42 -17.35 -15.54
CA GLN B 332 14.12 -17.57 -14.13
C GLN B 332 14.89 -16.55 -13.26
N ASN B 333 15.37 -15.44 -13.86
CA ASN B 333 16.16 -14.45 -13.10
C ASN B 333 16.03 -13.10 -13.80
N VAL B 334 14.76 -12.66 -14.00
CA VAL B 334 14.45 -11.41 -14.70
C VAL B 334 14.96 -10.16 -13.93
N THR B 335 15.50 -9.21 -14.66
CA THR B 335 15.94 -7.98 -14.07
C THR B 335 15.28 -6.88 -14.87
N PHE B 336 15.15 -5.72 -14.25
CA PHE B 336 14.50 -4.57 -14.88
C PHE B 336 15.45 -3.34 -14.84
N ASP B 337 15.88 -2.89 -16.04
CA ASP B 337 16.83 -1.77 -16.14
C ASP B 337 16.17 -0.53 -16.67
N ASN B 338 16.89 0.62 -16.56
CA ASN B 338 16.35 1.92 -17.06
C ASN B 338 15.11 2.41 -16.28
N VAL B 339 15.00 1.91 -15.04
CA VAL B 339 13.86 2.23 -14.20
C VAL B 339 13.71 3.73 -13.93
N GLN B 340 14.84 4.41 -13.86
CA GLN B 340 14.90 5.85 -13.62
C GLN B 340 14.13 6.60 -14.71
N ASN B 341 13.87 5.95 -15.86
CA ASN B 341 13.14 6.66 -16.88
C ASN B 341 11.72 6.22 -16.97
N ALA B 342 11.28 5.45 -15.97
CA ALA B 342 9.91 4.95 -15.93
C ALA B 342 9.10 5.50 -14.73
N VAL B 343 9.75 6.37 -13.93
CA VAL B 343 9.10 6.96 -12.77
C VAL B 343 9.36 8.47 -12.72
N GLY B 344 8.54 9.26 -12.01
CA GLY B 344 8.80 10.69 -12.00
C GLY B 344 7.56 11.34 -11.47
N ALA B 345 7.38 12.59 -11.77
CA ALA B 345 6.15 13.21 -11.28
C ALA B 345 4.89 12.53 -11.91
N ASP B 346 3.86 12.29 -11.04
CA ASP B 346 2.60 11.68 -11.44
C ASP B 346 2.79 10.39 -12.22
N LEU B 347 3.83 9.64 -11.87
CA LEU B 347 4.16 8.43 -12.59
C LEU B 347 4.84 7.44 -11.68
N GLN B 348 4.30 6.23 -11.61
CA GLN B 348 4.83 5.14 -10.75
C GLN B 348 4.82 3.83 -11.51
N ILE B 349 5.52 2.86 -10.97
CA ILE B 349 5.48 1.53 -11.55
C ILE B 349 5.40 0.50 -10.42
N ARG B 350 4.83 -0.64 -10.76
CA ARG B 350 4.79 -1.77 -9.88
C ARG B 350 5.47 -2.93 -10.59
N LEU B 351 6.31 -3.71 -9.84
CA LEU B 351 6.96 -4.91 -10.38
C LEU B 351 6.52 -6.01 -9.43
N PHE B 352 5.85 -7.01 -9.98
CA PHE B 352 5.18 -8.08 -9.26
C PHE B 352 5.91 -9.09 -8.41
N GLY B 353 7.14 -9.40 -8.77
CA GLY B 353 7.90 -10.40 -8.04
C GLY B 353 7.69 -11.81 -8.57
N LYS B 354 7.08 -11.96 -9.78
CA LYS B 354 6.89 -13.30 -10.40
C LYS B 354 8.26 -13.96 -10.56
N PRO B 355 8.35 -15.23 -10.14
CA PRO B 355 9.64 -15.95 -10.10
C PRO B 355 10.35 -16.26 -11.42
N GLU B 356 9.57 -16.38 -12.54
CA GLU B 356 10.17 -16.68 -13.84
C GLU B 356 9.16 -16.34 -14.90
N ILE B 357 9.56 -16.51 -16.13
CA ILE B 357 8.65 -16.26 -17.27
C ILE B 357 9.09 -17.24 -18.40
N ASP B 358 8.12 -17.63 -19.21
CA ASP B 358 8.40 -18.54 -20.30
C ASP B 358 7.32 -18.28 -21.32
N GLY B 359 7.54 -17.21 -22.10
CA GLY B 359 6.55 -16.77 -23.06
C GLY B 359 6.08 -15.35 -22.63
N SER B 360 4.86 -15.02 -22.95
CA SER B 360 4.33 -13.70 -22.61
C SER B 360 3.79 -13.72 -21.17
N ARG B 361 4.12 -12.72 -20.38
CA ARG B 361 3.60 -12.71 -19.00
C ARG B 361 3.53 -11.30 -18.45
N ARG B 362 2.51 -10.97 -17.65
CA ARG B 362 2.41 -9.66 -17.07
C ARG B 362 3.32 -9.57 -15.85
N LEU B 363 4.47 -8.87 -16.00
CA LEU B 363 5.41 -8.79 -14.88
C LEU B 363 5.29 -7.52 -13.99
N GLY B 364 4.57 -6.50 -14.46
CA GLY B 364 4.41 -5.25 -13.70
C GLY B 364 3.43 -4.38 -14.44
N VAL B 365 3.28 -3.14 -13.93
CA VAL B 365 2.35 -2.18 -14.52
C VAL B 365 2.87 -0.75 -14.28
N ALA B 366 2.61 0.17 -15.24
CA ALA B 366 2.98 1.57 -15.11
C ALA B 366 1.68 2.33 -14.80
N LEU B 367 1.75 3.34 -13.94
CA LEU B 367 0.59 4.10 -13.54
C LEU B 367 0.88 5.58 -13.73
N ALA B 368 -0.10 6.33 -14.27
CA ALA B 368 0.11 7.78 -14.51
C ALA B 368 -1.16 8.58 -14.36
N THR B 369 -0.98 9.88 -14.01
CA THR B 369 -2.08 10.88 -13.94
C THR B 369 -1.62 12.07 -14.80
N ALA B 370 -2.59 12.79 -15.34
CA ALA B 370 -2.32 13.94 -16.24
C ALA B 370 -3.52 14.83 -16.34
N GLU B 371 -3.40 15.86 -17.15
CA GLU B 371 -4.51 16.79 -17.27
C GLU B 371 -5.63 16.27 -18.11
N SER B 372 -5.31 15.31 -18.97
CA SER B 372 -6.30 14.72 -19.84
C SER B 372 -6.10 13.23 -19.83
N VAL B 373 -7.16 12.50 -20.17
CA VAL B 373 -7.06 11.06 -20.23
C VAL B 373 -6.04 10.65 -21.29
N VAL B 374 -6.07 11.34 -22.44
CA VAL B 374 -5.16 11.03 -23.52
C VAL B 374 -3.72 11.19 -23.03
N ASP B 375 -3.49 12.24 -22.29
CA ASP B 375 -2.17 12.47 -21.78
C ASP B 375 -1.78 11.44 -20.75
N ALA B 376 -2.72 11.04 -19.93
CA ALA B 376 -2.38 10.06 -18.90
C ALA B 376 -1.95 8.76 -19.58
N ILE B 377 -2.76 8.35 -20.59
CA ILE B 377 -2.48 7.10 -21.32
C ILE B 377 -1.06 7.11 -21.90
N GLU B 378 -0.73 8.22 -22.54
CA GLU B 378 0.57 8.34 -23.11
C GLU B 378 1.69 8.26 -22.08
N ARG B 379 1.53 8.95 -20.95
CA ARG B 379 2.56 8.97 -19.93
C ARG B 379 2.80 7.58 -19.41
N ALA B 380 1.71 6.86 -19.14
CA ALA B 380 1.79 5.48 -18.65
C ALA B 380 2.39 4.56 -19.71
N LYS B 381 1.93 4.66 -20.97
CA LYS B 381 2.46 3.83 -22.05
C LYS B 381 3.96 4.04 -22.25
N HIS B 382 4.36 5.32 -22.26
CA HIS B 382 5.75 5.63 -22.43
C HIS B 382 6.61 5.05 -21.32
N ALA B 383 6.13 5.24 -20.08
CA ALA B 383 6.87 4.72 -18.91
C ALA B 383 7.06 3.20 -18.98
N ALA B 384 5.96 2.46 -19.26
CA ALA B 384 6.04 0.99 -19.39
C ALA B 384 7.11 0.62 -20.44
N GLY B 385 7.13 1.36 -21.58
CA GLY B 385 8.10 1.12 -22.68
C GLY B 385 9.56 1.44 -22.31
N GLN B 386 9.77 2.27 -21.31
CA GLN B 386 11.12 2.59 -20.92
C GLN B 386 11.81 1.48 -20.14
N VAL B 387 11.02 0.65 -19.49
CA VAL B 387 11.60 -0.45 -18.70
C VAL B 387 12.20 -1.49 -19.65
N LYS B 388 13.47 -1.81 -19.42
CA LYS B 388 14.19 -2.83 -20.18
C LYS B 388 14.16 -4.17 -19.40
N VAL B 389 13.39 -5.12 -19.92
CA VAL B 389 13.28 -6.43 -19.29
C VAL B 389 14.37 -7.37 -19.80
N GLN B 390 15.29 -7.73 -18.90
CA GLN B 390 16.40 -8.60 -19.21
C GLN B 390 16.21 -10.01 -18.65
N GLY B 391 16.79 -11.02 -19.31
CA GLY B 391 16.59 -12.41 -18.85
C GLY B 391 17.83 -13.07 -18.29
MG MG C . 13.92 12.79 18.16
MG MG D . 10.94 15.09 17.45
NA NA E . 24.14 5.88 1.00
CL CL F . 13.89 6.54 16.55
CL CL G . -23.06 -2.08 13.44
CL CL H . -0.95 3.04 -1.11
PG ATP I . 10.86 12.02 18.41
O1G ATP I . 9.89 10.81 18.42
O2G ATP I . 10.34 13.09 17.48
O3G ATP I . 12.37 11.57 18.06
PB ATP I . 12.06 13.07 20.83
O1B ATP I . 12.10 12.15 22.03
O2B ATP I . 13.34 13.18 20.08
O3B ATP I . 10.85 12.64 19.91
PA ATP I . 11.74 15.95 20.66
O1A ATP I . 13.10 16.51 20.89
O2A ATP I . 11.40 15.90 19.20
O3A ATP I . 11.69 14.50 21.35
O5' ATP I . 10.69 16.78 21.54
C5' ATP I . 9.29 16.35 21.47
C4' ATP I . 8.39 17.57 21.46
O4' ATP I . 8.63 18.41 22.65
C3' ATP I . 8.61 18.53 20.29
O3' ATP I . 8.01 18.08 19.07
C2' ATP I . 8.05 19.83 20.90
O2' ATP I . 6.63 19.81 20.92
C1' ATP I . 8.62 19.77 22.32
N9 ATP I . 9.99 20.34 22.38
C8 ATP I . 11.20 19.70 22.32
N7 ATP I . 12.23 20.54 22.50
C5 ATP I . 11.66 21.78 22.63
C6 ATP I . 12.26 23.05 22.91
N6 ATP I . 13.50 23.32 23.06
N1 ATP I . 11.31 24.03 22.98
C2 ATP I . 9.96 23.88 22.85
N3 ATP I . 9.39 22.70 22.66
C4 ATP I . 10.29 21.69 22.52
C1 GAR J . 9.76 2.24 15.49
O6 GAR J . 10.14 0.93 14.98
C2 GAR J . 9.29 3.28 14.48
O8 GAR J . 8.54 2.68 13.41
C3 GAR J . 8.42 4.17 15.34
O4 GAR J . 7.99 3.40 16.43
C5 GAR J . 8.56 2.09 16.40
C10 GAR J . 8.69 1.56 17.80
O12 GAR J . 7.42 1.38 18.45
N19 GAR J . 9.20 5.26 15.87
C21 GAR J . 8.77 6.52 16.06
O22 GAR J . 7.66 6.86 15.73
C23 GAR J . 9.69 7.51 16.68
N24 GAR J . 9.09 8.87 16.64
P15 GAR J . 7.25 0.47 19.76
O16 GAR J . 7.91 1.27 20.90
O17 GAR J . 7.85 -0.92 19.58
O18 GAR J . 5.72 0.39 19.92
S1 MPO K . 11.24 -16.41 8.56
O1 MPO K . 11.54 -14.95 8.60
O2 MPO K . 10.52 -16.73 7.29
O4 MPO K . 5.15 -12.78 9.77
N1 MPO K . 7.39 -14.37 10.45
C1 MPO K . 10.20 -16.94 9.99
O3 MPO K . 12.47 -17.23 8.61
C2 MPO K . 8.81 -16.35 9.85
C3 MPO K . 8.85 -14.85 10.12
C4 MPO K . 6.50 -14.75 9.32
C5 MPO K . 5.11 -14.19 9.56
C6 MPO K . 5.97 -12.43 10.89
C7 MPO K . 7.40 -12.90 10.67
C1 EDO L . 30.54 12.13 12.75
O1 EDO L . 30.91 13.04 11.72
C2 EDO L . 30.03 10.79 12.19
O2 EDO L . 30.96 10.19 11.28
MG MG M . -14.64 -14.09 -18.14
MG MG N . -13.91 -10.12 -20.18
NA NA O . -20.03 -14.04 2.17
CL CL P . -21.80 5.71 -6.03
PG ATP Q . -11.99 -12.21 -19.25
O1G ATP Q . -10.52 -12.37 -19.03
O2G ATP Q . -12.42 -10.83 -18.80
O3G ATP Q . -12.82 -13.33 -18.47
PB ATP Q . -13.03 -13.46 -21.59
O1B ATP Q . -12.17 -13.86 -22.76
O2B ATP Q . -13.23 -14.66 -20.68
O3B ATP Q . -12.30 -12.30 -20.81
PA ATP Q . -15.01 -11.71 -22.92
O1A ATP Q . -16.43 -11.89 -23.35
O2A ATP Q . -14.97 -10.49 -22.03
O3A ATP Q . -14.47 -12.97 -22.09
O5' ATP Q . -14.12 -11.52 -24.22
C5' ATP Q . -13.01 -10.61 -24.15
C4' ATP Q . -13.34 -9.44 -25.08
O4' ATP Q . -14.06 -9.94 -26.24
C3' ATP Q . -14.30 -8.38 -24.53
O3' ATP Q . -13.62 -7.52 -23.56
C2' ATP Q . -14.72 -7.75 -25.87
O2' ATP Q . -13.65 -6.92 -26.33
C1' ATP Q . -14.87 -8.97 -26.80
N9 ATP Q . -16.25 -9.49 -26.86
C8 ATP Q . -16.79 -10.58 -26.21
N7 ATP Q . -18.06 -10.84 -26.56
C5 ATP Q . -18.40 -9.84 -27.46
C6 ATP Q . -19.59 -9.63 -28.23
N6 ATP Q . -20.69 -10.27 -28.22
N1 ATP Q . -19.52 -8.53 -29.02
C2 ATP Q . -18.39 -7.74 -29.14
N3 ATP Q . -17.25 -7.97 -28.53
C4 ATP Q . -17.30 -9.02 -27.67
C1 GAR R . -3.96 -13.99 -11.21
O6 GAR R . -3.49 -14.65 -10.02
C2 GAR R . -4.53 -12.60 -11.05
O8 GAR R . -3.77 -11.86 -10.09
C3 GAR R . -4.28 -11.98 -12.42
O4 GAR R . -3.16 -12.62 -12.96
C5 GAR R . -2.79 -13.74 -12.13
C10 GAR R . -2.10 -14.78 -12.93
O12 GAR R . -0.98 -14.28 -13.65
N19 GAR R . -5.38 -12.31 -13.28
C21 GAR R . -5.79 -11.51 -14.27
O22 GAR R . -5.23 -10.42 -14.49
C23 GAR R . -6.95 -11.95 -15.12
N24 GAR R . -6.92 -11.20 -16.41
P15 GAR R . -0.02 -15.39 -14.33
O16 GAR R . -0.84 -16.06 -15.41
O17 GAR R . 0.45 -16.36 -13.28
O18 GAR R . 1.11 -14.59 -14.91
C1 EDO S . -6.68 2.40 -1.12
O1 EDO S . -6.32 2.99 0.12
C2 EDO S . -5.49 1.83 -1.86
O2 EDO S . -4.26 1.81 -1.08
C1 EDO T . -27.58 14.42 -20.79
O1 EDO T . -26.56 14.97 -21.60
C2 EDO T . -27.43 12.93 -20.67
O2 EDO T . -27.07 12.42 -21.92
#